data_43C9
#
_entry.id   43C9
#
_cell.length_a   104.130
_cell.length_b   112.660
_cell.length_c   245.120
_cell.angle_alpha   90.00
_cell.angle_beta   90.00
_cell.angle_gamma   90.00
#
_symmetry.space_group_name_H-M   'C 2 2 21'
#
loop_
_entity.id
_entity.type
_entity.pdbx_description
1 polymer 'PROTEIN (IMMUNOGLOBULIN (LIGHT CHAIN))'
2 polymer 'PROTEIN (IMMUNOGLOBULIN (HEAVY CHAIN))'
3 water water
#
loop_
_entity_poly.entity_id
_entity_poly.type
_entity_poly.pdbx_seq_one_letter_code
_entity_poly.pdbx_strand_id
1 'polypeptide(L)'
;DVVMTQTPSSLAMSVGQKVTMSCKSSQSLLNISNQKNYLAWYQQKPGQSPKLLVYFASTRESGVPDRFIGSGSGTDFTLT
ISSVQAEDQADYFCQQHYRAPRTFGGGTKLEIK
;
A,C,E,G
2 'polypeptide(L)'
;GQVQLVESGPGLVAPSQSLSITCTVSGISLSRYNVHWVRQSPGKGLEWLGMIWGGGSIEYNPALKSRLSISKDNSKSQIF
LKMNSLQTDDSAMYYCVSYGYGGDRFSYWGQGTLVTVS
;
B,D,F,H
#
# COMPACT_ATOMS: atom_id res chain seq x y z
N ASP A 1 -15.48 46.31 14.86
CA ASP A 1 -16.02 45.46 13.77
C ASP A 1 -14.96 45.10 12.74
N VAL A 2 -13.80 45.76 12.74
CA VAL A 2 -12.80 45.42 11.74
C VAL A 2 -12.56 43.88 11.82
N VAL A 3 -13.18 43.15 10.91
CA VAL A 3 -13.09 41.70 10.86
C VAL A 3 -11.86 41.17 10.18
N MET A 4 -11.05 40.45 10.95
CA MET A 4 -9.83 39.85 10.46
C MET A 4 -10.07 38.39 10.11
N THR A 5 -9.83 38.04 8.84
CA THR A 5 -10.06 36.70 8.33
C THR A 5 -8.79 36.08 7.71
N GLN A 6 -8.29 35.01 8.31
CA GLN A 6 -7.08 34.34 7.80
C GLN A 6 -7.41 33.16 6.93
N THR A 7 -6.47 32.73 6.11
CA THR A 7 -6.68 31.62 5.18
C THR A 7 -5.36 31.02 4.73
N PRO A 8 -5.29 29.67 4.64
CA PRO A 8 -6.38 28.75 5.01
C PRO A 8 -6.39 28.53 6.51
N SER A 9 -7.41 27.85 7.03
CA SER A 9 -7.48 27.58 8.47
C SER A 9 -6.45 26.51 8.86
N SER A 10 -5.88 25.87 7.85
CA SER A 10 -4.93 24.81 8.05
C SER A 10 -4.39 24.26 6.72
N LEU A 11 -3.11 23.92 6.70
CA LEU A 11 -2.50 23.35 5.51
C LEU A 11 -1.35 22.46 5.94
N ALA A 12 -0.99 21.56 5.03
CA ALA A 12 0.07 20.62 5.27
C ALA A 12 1.07 20.86 4.19
N MET A 13 2.27 21.23 4.61
CA MET A 13 3.38 21.49 3.70
C MET A 13 4.49 20.53 4.06
N SER A 14 5.56 20.61 3.30
CA SER A 14 6.68 19.73 3.50
C SER A 14 7.95 20.58 3.52
N VAL A 15 8.94 20.14 4.29
CA VAL A 15 10.20 20.85 4.42
C VAL A 15 10.80 21.33 3.10
N GLY A 16 11.23 22.59 3.09
CA GLY A 16 11.85 23.20 1.92
C GLY A 16 10.96 23.92 0.92
N GLN A 17 9.64 23.85 1.13
CA GLN A 17 8.66 24.45 0.23
C GLN A 17 8.25 25.86 0.62
N LYS A 18 7.82 26.65 -0.35
CA LYS A 18 7.36 28.01 -0.10
C LYS A 18 5.95 27.91 0.47
N VAL A 19 5.73 28.57 1.59
CA VAL A 19 4.43 28.50 2.25
C VAL A 19 3.75 29.84 2.15
N THR A 20 2.50 29.82 1.70
CA THR A 20 1.78 31.05 1.61
C THR A 20 0.46 31.09 2.35
N MET A 21 0.35 32.03 3.26
CA MET A 21 -0.85 32.17 4.02
C MET A 21 -1.31 33.61 4.01
N SER A 22 -2.61 33.75 3.78
CA SER A 22 -3.28 35.03 3.65
C SER A 22 -4.01 35.53 4.89
N CYS A 23 -4.17 36.85 4.98
CA CYS A 23 -4.91 37.51 6.07
C CYS A 23 -5.65 38.72 5.44
N LYS A 24 -6.95 38.87 5.69
CA LYS A 24 -7.73 39.98 5.11
C LYS A 24 -8.58 40.73 6.12
N SER A 25 -8.64 42.05 5.99
CA SER A 25 -9.46 42.89 6.88
C SER A 25 -10.71 43.36 6.16
N SER A 26 -11.76 43.63 6.92
CA SER A 26 -13.00 44.12 6.34
C SER A 26 -12.85 45.59 5.91
N GLN A 27 -11.85 46.27 6.46
CA GLN A 27 -11.60 47.68 6.16
C GLN A 27 -10.11 47.88 5.87
N SER A 28 -9.75 48.98 5.23
CA SER A 28 -8.35 49.23 4.93
C SER A 28 -7.62 49.59 6.20
N LEU A 29 -6.43 49.01 6.37
CA LEU A 29 -5.59 49.23 7.55
C LEU A 29 -4.44 50.18 7.30
N LEU A 30 -4.50 50.88 6.17
CA LEU A 30 -3.47 51.83 5.75
C LEU A 30 -3.70 53.25 6.26
N ASN A 31 -2.77 53.73 7.07
CA ASN A 31 -2.94 55.09 7.54
C ASN A 31 -2.44 56.12 6.54
N ILE A 32 -3.42 56.69 5.87
CA ILE A 32 -3.24 57.75 4.88
C ILE A 32 -2.71 58.91 5.72
N SER A 33 -1.40 58.95 5.91
CA SER A 33 -0.82 59.98 6.76
C SER A 33 0.65 59.64 6.86
N ASN A 34 0.94 58.36 7.09
CA ASN A 34 2.33 57.91 7.19
C ASN A 34 2.55 56.78 6.20
N GLN A 35 1.48 56.43 5.49
CA GLN A 35 1.47 55.37 4.47
C GLN A 35 1.91 54.00 4.95
N LYS A 36 1.79 53.76 6.25
CA LYS A 36 2.14 52.47 6.85
C LYS A 36 0.87 51.61 7.01
N ASN A 37 0.96 50.32 6.74
CA ASN A 37 -0.19 49.43 6.91
C ASN A 37 -0.09 48.84 8.33
N TYR A 38 -1.05 49.14 9.20
CA TYR A 38 -1.00 48.62 10.57
C TYR A 38 -1.51 47.16 10.74
N LEU A 39 -0.63 46.23 10.43
CA LEU A 39 -0.91 44.81 10.49
C LEU A 39 0.34 44.06 10.95
N ALA A 40 0.18 43.17 11.93
CA ALA A 40 1.29 42.38 12.47
C ALA A 40 1.02 40.89 12.31
N TRP A 41 2.08 40.09 12.27
CA TRP A 41 1.99 38.65 12.13
C TRP A 41 2.65 38.02 13.36
N TYR A 42 2.12 36.88 13.79
CA TYR A 42 2.63 36.17 14.96
C TYR A 42 2.70 34.67 14.72
N GLN A 43 3.59 34.02 15.47
CA GLN A 43 3.82 32.58 15.40
C GLN A 43 3.66 32.10 16.83
N GLN A 44 2.94 31.00 16.99
CA GLN A 44 2.71 30.43 18.30
C GLN A 44 2.99 28.93 18.22
N LYS A 45 3.97 28.48 19.01
CA LYS A 45 4.32 27.07 19.04
C LYS A 45 3.68 26.48 20.29
N PRO A 46 3.54 25.14 20.35
CA PRO A 46 2.93 24.44 21.49
C PRO A 46 3.28 24.94 22.90
N GLY A 47 2.26 25.26 23.68
CA GLY A 47 2.46 25.73 25.04
C GLY A 47 3.44 26.88 25.23
N GLN A 48 3.48 27.78 24.25
CA GLN A 48 4.33 28.97 24.28
C GLN A 48 3.45 30.13 23.87
N SER A 49 3.77 31.33 24.34
CA SER A 49 2.98 32.49 23.97
C SER A 49 3.25 32.83 22.51
N PRO A 50 2.38 33.65 21.92
CA PRO A 50 2.65 33.99 20.52
C PRO A 50 3.84 34.94 20.50
N LYS A 51 4.61 34.92 19.40
CA LYS A 51 5.76 35.80 19.23
C LYS A 51 5.54 36.59 17.95
N LEU A 52 5.95 37.86 17.94
CA LEU A 52 5.81 38.70 16.74
C LEU A 52 6.82 38.30 15.66
N LEU A 53 6.39 38.27 14.40
CA LEU A 53 7.29 37.93 13.32
C LEU A 53 7.46 39.17 12.43
N VAL A 54 6.35 39.84 12.14
CA VAL A 54 6.36 40.99 11.23
C VAL A 54 5.36 42.09 11.59
N TYR A 55 5.75 43.36 11.50
CA TYR A 55 4.83 44.49 11.77
C TYR A 55 4.86 45.52 10.64
N PHE A 56 3.84 46.38 10.60
CA PHE A 56 3.73 47.36 9.53
C PHE A 56 3.76 46.60 8.22
N ALA A 57 3.18 45.41 8.24
CA ALA A 57 3.06 44.50 7.10
C ALA A 57 4.29 43.82 6.52
N SER A 58 5.45 44.41 6.73
CA SER A 58 6.66 43.84 6.16
C SER A 58 7.88 43.91 7.04
N THR A 59 7.86 44.79 8.04
CA THR A 59 9.00 44.94 8.95
C THR A 59 9.23 43.71 9.86
N ARG A 60 10.26 42.92 9.61
CA ARG A 60 10.53 41.76 10.46
C ARG A 60 10.95 42.21 11.86
N GLU A 61 10.64 41.39 12.84
CA GLU A 61 11.05 41.72 14.19
C GLU A 61 12.48 41.14 14.32
N SER A 62 13.19 41.56 15.36
CA SER A 62 14.54 41.07 15.61
C SER A 62 14.55 39.55 15.75
N GLY A 63 15.64 38.96 15.26
CA GLY A 63 15.79 37.51 15.35
C GLY A 63 14.90 36.73 14.41
N VAL A 64 13.95 37.39 13.77
CA VAL A 64 13.08 36.68 12.86
C VAL A 64 13.93 36.47 11.64
N PRO A 65 14.02 35.22 11.16
CA PRO A 65 14.81 34.87 9.97
C PRO A 65 14.34 35.50 8.63
N ASP A 66 15.27 35.67 7.68
CA ASP A 66 14.94 36.22 6.36
C ASP A 66 13.93 35.41 5.54
N ARG A 67 13.68 34.15 5.92
CA ARG A 67 12.72 33.29 5.22
C ARG A 67 11.23 33.69 5.39
N PHE A 68 10.90 34.39 6.47
CA PHE A 68 9.53 34.84 6.69
C PHE A 68 9.39 36.21 6.03
N ILE A 69 8.45 36.40 5.09
CA ILE A 69 8.28 37.72 4.50
C ILE A 69 6.86 38.21 4.35
N GLY A 70 6.57 39.28 5.06
CA GLY A 70 5.25 39.86 5.01
C GLY A 70 5.12 40.79 3.83
N SER A 71 3.97 40.73 3.17
CA SER A 71 3.69 41.58 2.01
C SER A 71 2.23 42.00 1.98
N GLY A 72 1.86 42.76 0.96
CA GLY A 72 0.48 43.21 0.83
C GLY A 72 0.22 44.59 1.39
N SER A 73 -1.02 45.05 1.21
CA SER A 73 -1.46 46.36 1.71
C SER A 73 -2.95 46.62 1.50
N GLY A 74 -3.48 47.56 2.28
CA GLY A 74 -4.90 47.89 2.18
C GLY A 74 -5.74 46.96 3.01
N THR A 75 -6.21 45.88 2.41
CA THR A 75 -7.04 44.93 3.13
C THR A 75 -6.61 43.48 2.94
N ASP A 76 -5.64 43.25 2.07
CA ASP A 76 -5.20 41.89 1.78
C ASP A 76 -3.71 41.77 2.01
N PHE A 77 -3.34 40.95 2.99
CA PHE A 77 -1.94 40.75 3.35
C PHE A 77 -1.51 39.31 3.23
N THR A 78 -0.20 39.10 3.30
CA THR A 78 0.36 37.78 3.13
C THR A 78 1.66 37.51 3.86
N LEU A 79 1.72 36.33 4.48
CA LEU A 79 2.90 35.90 5.15
C LEU A 79 3.45 34.76 4.30
N THR A 80 4.66 34.92 3.82
CA THR A 80 5.25 33.91 2.99
C THR A 80 6.45 33.33 3.73
N ILE A 81 6.67 32.02 3.58
CA ILE A 81 7.84 31.39 4.17
C ILE A 81 8.56 30.83 2.94
N SER A 82 9.60 31.53 2.52
CA SER A 82 10.40 31.17 1.34
C SER A 82 10.78 29.69 1.23
N SER A 83 11.29 29.12 2.32
CA SER A 83 11.69 27.71 2.33
C SER A 83 11.41 27.19 3.74
N VAL A 84 10.34 26.42 3.93
CA VAL A 84 10.03 25.95 5.29
C VAL A 84 10.95 24.93 5.89
N GLN A 85 11.14 25.08 7.18
CA GLN A 85 11.95 24.16 7.93
C GLN A 85 11.02 23.60 8.98
N ALA A 86 11.25 22.35 9.33
CA ALA A 86 10.44 21.60 10.30
C ALA A 86 10.06 22.41 11.54
N GLU A 87 11.02 23.11 12.11
CA GLU A 87 10.76 23.90 13.31
C GLU A 87 9.64 24.90 13.10
N ASP A 88 9.27 25.16 11.86
CA ASP A 88 8.24 26.15 11.55
C ASP A 88 6.81 25.74 11.80
N GLN A 89 6.58 24.46 11.99
CA GLN A 89 5.25 23.96 12.24
C GLN A 89 4.73 24.77 13.43
N ALA A 90 3.64 25.51 13.23
CA ALA A 90 3.05 26.32 14.29
C ALA A 90 1.76 26.95 13.83
N ASP A 91 1.19 27.79 14.71
CA ASP A 91 -0.03 28.54 14.43
C ASP A 91 0.43 29.96 14.12
N TYR A 92 -0.16 30.54 13.08
CA TYR A 92 0.20 31.88 12.66
C TYR A 92 -1.04 32.75 12.62
N PHE A 93 -1.04 33.82 13.41
CA PHE A 93 -2.16 34.74 13.44
C PHE A 93 -1.69 36.07 12.94
N CYS A 94 -2.66 36.93 12.64
CA CYS A 94 -2.41 38.29 12.19
C CYS A 94 -3.33 39.16 13.06
N GLN A 95 -2.89 40.35 13.39
CA GLN A 95 -3.70 41.23 14.20
C GLN A 95 -3.61 42.61 13.59
N GLN A 96 -4.74 43.29 13.49
CA GLN A 96 -4.77 44.63 12.93
C GLN A 96 -4.62 45.59 14.09
N HIS A 97 -3.75 46.58 13.91
CA HIS A 97 -3.51 47.59 14.94
C HIS A 97 -3.94 48.98 14.49
N TYR A 98 -4.81 49.02 13.49
CA TYR A 98 -5.30 50.29 12.97
C TYR A 98 -6.32 50.91 13.91
N ARG A 99 -7.42 50.21 14.16
CA ARG A 99 -8.43 50.76 15.03
C ARG A 99 -8.71 49.87 16.20
N ALA A 100 -9.09 50.50 17.30
CA ALA A 100 -9.46 49.76 18.51
C ALA A 100 -10.87 49.29 18.19
N PRO A 101 -11.23 48.02 18.52
CA PRO A 101 -10.47 46.96 19.16
C PRO A 101 -9.54 46.26 18.18
N ARG A 102 -8.27 46.17 18.53
CA ARG A 102 -7.27 45.54 17.69
C ARG A 102 -7.45 44.01 17.57
N THR A 103 -8.44 43.62 16.77
CA THR A 103 -8.80 42.23 16.57
C THR A 103 -7.76 41.33 15.92
N PHE A 104 -7.86 40.03 16.20
CA PHE A 104 -6.94 39.03 15.64
C PHE A 104 -7.64 38.20 14.59
N GLY A 105 -6.84 37.60 13.72
CA GLY A 105 -7.37 36.73 12.69
C GLY A 105 -7.66 35.43 13.41
N GLY A 106 -8.32 34.49 12.74
CA GLY A 106 -8.63 33.21 13.37
C GLY A 106 -7.48 32.20 13.37
N GLY A 107 -6.37 32.58 12.78
CA GLY A 107 -5.24 31.68 12.74
C GLY A 107 -5.23 30.70 11.60
N THR A 108 -4.02 30.29 11.23
CA THR A 108 -3.82 29.29 10.20
C THR A 108 -2.89 28.32 10.88
N LYS A 109 -3.27 27.03 10.85
CA LYS A 109 -2.48 25.98 11.47
C LYS A 109 -1.56 25.32 10.45
N LEU A 110 -0.27 25.62 10.56
CA LEU A 110 0.72 25.05 9.65
C LEU A 110 1.26 23.76 10.17
N GLU A 111 1.17 22.71 9.36
CA GLU A 111 1.67 21.39 9.72
C GLU A 111 2.81 21.10 8.79
N ILE A 112 3.98 20.82 9.33
CA ILE A 112 5.16 20.50 8.51
C ILE A 112 5.46 19.01 8.62
N LYS A 113 5.57 18.33 7.48
CA LYS A 113 5.85 16.90 7.47
C LYS A 113 7.35 16.67 7.45
N GLY B 1 18.00 38.04 27.08
CA GLY B 1 16.81 37.89 28.00
C GLY B 1 16.42 39.30 28.42
N GLN B 2 17.05 39.77 29.49
CA GLN B 2 16.89 41.12 30.09
C GLN B 2 15.54 41.85 30.29
N VAL B 3 14.60 41.73 29.38
CA VAL B 3 13.31 42.39 29.53
C VAL B 3 12.27 41.30 29.70
N GLN B 4 11.51 41.36 30.79
CA GLN B 4 10.47 40.38 31.05
C GLN B 4 9.15 41.01 31.49
N LEU B 5 8.04 40.39 31.09
CA LEU B 5 6.67 40.81 31.45
C LEU B 5 6.09 39.55 32.15
N VAL B 6 5.90 39.64 33.44
CA VAL B 6 5.40 38.50 34.18
C VAL B 6 4.04 38.84 34.72
N GLU B 7 3.03 38.15 34.22
CA GLU B 7 1.71 38.42 34.72
C GLU B 7 1.34 37.42 35.82
N SER B 8 0.70 37.95 36.86
CA SER B 8 0.27 37.16 38.01
C SER B 8 -1.22 37.38 38.33
N GLY B 9 -1.95 36.27 38.40
CA GLY B 9 -3.36 36.32 38.68
C GLY B 9 -3.72 35.33 39.78
N PRO B 10 -5.01 35.06 39.95
CA PRO B 10 -5.57 34.15 40.94
C PRO B 10 -5.63 32.68 40.58
N GLY B 11 -5.44 32.33 39.32
CA GLY B 11 -5.54 30.92 38.97
C GLY B 11 -7.02 30.58 38.96
N LEU B 12 -7.56 29.94 39.99
CA LEU B 12 -8.99 29.64 39.98
C LEU B 12 -9.76 30.71 40.75
N VAL B 13 -10.93 31.07 40.21
CA VAL B 13 -11.79 32.09 40.79
C VAL B 13 -13.28 31.77 40.61
N ALA B 14 -14.06 32.07 41.65
CA ALA B 14 -15.50 31.85 41.65
C ALA B 14 -16.14 32.88 40.72
N PRO B 15 -17.25 32.53 40.03
CA PRO B 15 -17.90 33.49 39.14
C PRO B 15 -18.48 34.74 39.84
N SER B 16 -18.91 35.70 39.01
CA SER B 16 -19.45 37.02 39.39
C SER B 16 -18.66 37.76 40.47
N GLN B 17 -17.50 37.17 40.78
CA GLN B 17 -16.48 37.64 41.71
C GLN B 17 -15.57 38.46 40.74
N SER B 18 -14.70 39.34 41.24
CA SER B 18 -13.90 40.12 40.29
C SER B 18 -12.47 39.62 40.07
N LEU B 19 -12.03 39.68 38.81
CA LEU B 19 -10.69 39.27 38.45
C LEU B 19 -9.73 40.43 38.61
N SER B 20 -8.47 40.12 38.90
CA SER B 20 -7.41 41.12 39.05
C SER B 20 -6.13 40.44 38.60
N ILE B 21 -5.40 41.09 37.71
CA ILE B 21 -4.18 40.54 37.19
C ILE B 21 -3.17 41.66 37.18
N THR B 22 -1.90 41.32 37.39
CA THR B 22 -0.84 42.31 37.37
C THR B 22 0.29 41.90 36.43
N CYS B 23 0.62 42.82 35.52
CA CYS B 23 1.70 42.58 34.60
C CYS B 23 2.88 43.27 35.24
N THR B 24 3.94 42.53 35.54
CA THR B 24 5.12 43.13 36.13
C THR B 24 6.17 43.19 35.05
N VAL B 25 6.63 44.41 34.75
CA VAL B 25 7.63 44.67 33.71
C VAL B 25 9.05 44.98 34.23
N SER B 26 10.05 44.53 33.49
CA SER B 26 11.46 44.72 33.84
C SER B 26 12.32 45.08 32.64
N GLY B 27 13.32 45.92 32.87
CA GLY B 27 14.25 46.27 31.80
C GLY B 27 13.88 47.37 30.84
N ILE B 28 12.68 47.92 30.96
CA ILE B 28 12.24 49.00 30.08
C ILE B 28 11.47 50.01 30.89
N SER B 29 11.26 51.17 30.28
CA SER B 29 10.54 52.28 30.88
C SER B 29 9.10 52.32 30.38
N LEU B 30 8.15 52.26 31.30
CA LEU B 30 6.74 52.26 30.95
C LEU B 30 6.23 53.49 30.24
N SER B 31 6.92 54.61 30.40
CA SER B 31 6.56 55.86 29.73
C SER B 31 6.80 55.73 28.24
N ARG B 32 7.85 55.00 27.89
CA ARG B 32 8.24 54.81 26.50
C ARG B 32 7.68 53.57 25.83
N TYR B 33 6.73 52.89 26.46
CA TYR B 33 6.17 51.67 25.90
C TYR B 33 4.65 51.56 26.11
N ASN B 34 3.99 50.93 25.15
CA ASN B 34 2.55 50.73 25.19
C ASN B 34 2.23 49.31 25.60
N VAL B 35 1.40 49.16 26.62
CA VAL B 35 1.06 47.84 27.11
C VAL B 35 -0.38 47.48 26.86
N HIS B 36 -0.58 46.34 26.21
CA HIS B 36 -1.90 45.81 25.89
C HIS B 36 -2.25 44.62 26.77
N TRP B 37 -3.54 44.35 26.89
CA TRP B 37 -4.04 43.20 27.63
C TRP B 37 -4.79 42.38 26.58
N VAL B 38 -4.52 41.08 26.55
CA VAL B 38 -5.10 40.19 25.56
C VAL B 38 -5.33 38.87 26.27
N ARG B 39 -6.21 38.04 25.74
CA ARG B 39 -6.45 36.74 26.37
C ARG B 39 -6.63 35.69 25.29
N GLN B 40 -6.40 34.45 25.63
CA GLN B 40 -6.53 33.43 24.62
C GLN B 40 -7.13 32.18 25.21
N SER B 41 -8.01 31.54 24.44
CA SER B 41 -8.65 30.32 24.87
C SER B 41 -8.90 29.50 23.63
N PRO B 42 -9.06 28.17 23.79
CA PRO B 42 -9.31 27.35 22.60
C PRO B 42 -10.65 27.71 21.91
N GLY B 43 -11.65 28.02 22.73
CA GLY B 43 -12.99 28.33 22.23
C GLY B 43 -13.13 29.71 21.64
N LYS B 44 -12.68 30.71 22.36
CA LYS B 44 -12.76 32.09 21.90
C LYS B 44 -11.59 32.61 21.01
N GLY B 45 -10.45 31.90 21.02
CA GLY B 45 -9.26 32.30 20.26
C GLY B 45 -8.57 33.48 20.95
N LEU B 46 -7.90 34.34 20.18
CA LEU B 46 -7.23 35.50 20.73
C LEU B 46 -8.16 36.69 20.73
N GLU B 47 -8.20 37.42 21.85
CA GLU B 47 -9.08 38.56 22.00
C GLU B 47 -8.37 39.73 22.62
N TRP B 48 -8.43 40.89 21.98
CA TRP B 48 -7.79 42.10 22.49
C TRP B 48 -8.69 42.72 23.58
N LEU B 49 -8.13 42.98 24.76
CA LEU B 49 -8.92 43.53 25.87
C LEU B 49 -8.81 45.01 26.08
N GLY B 50 -7.64 45.57 25.86
CA GLY B 50 -7.49 46.99 26.05
C GLY B 50 -6.02 47.30 26.01
N MET B 51 -5.65 48.52 26.37
CA MET B 51 -4.26 48.93 26.37
C MET B 51 -4.16 50.30 27.04
N ILE B 52 -2.98 50.57 27.57
CA ILE B 52 -2.71 51.85 28.19
C ILE B 52 -1.41 52.33 27.50
N TRP B 53 -1.48 53.47 26.81
CA TRP B 53 -0.34 54.05 26.10
C TRP B 53 0.72 54.56 27.07
N GLY B 54 1.95 54.71 26.56
CA GLY B 54 3.05 55.20 27.37
C GLY B 54 2.62 56.41 28.17
N GLY B 55 1.96 57.33 27.47
CA GLY B 55 1.44 58.53 28.11
C GLY B 55 -0.03 58.37 28.43
N GLY B 56 -0.31 57.81 29.62
CA GLY B 56 -1.65 57.60 30.18
C GLY B 56 -2.90 57.01 29.52
N SER B 57 -3.21 57.46 28.31
CA SER B 57 -4.40 57.03 27.58
C SER B 57 -4.73 55.55 27.64
N ILE B 58 -5.99 55.26 27.93
CA ILE B 58 -6.45 53.88 28.02
C ILE B 58 -7.59 53.63 27.07
N GLU B 59 -7.52 52.51 26.38
CA GLU B 59 -8.57 52.16 25.45
C GLU B 59 -9.04 50.76 25.80
N TYR B 60 -10.33 50.52 25.68
CA TYR B 60 -10.91 49.23 25.98
C TYR B 60 -11.62 48.68 24.80
N ASN B 61 -11.91 47.39 24.92
CA ASN B 61 -12.66 46.71 23.92
C ASN B 61 -14.09 47.19 24.22
N PRO B 62 -14.82 47.65 23.18
CA PRO B 62 -16.20 48.13 23.37
C PRO B 62 -17.17 47.15 24.06
N ALA B 63 -16.91 45.85 23.98
CA ALA B 63 -17.81 44.88 24.64
C ALA B 63 -17.55 44.92 26.14
N LEU B 64 -16.41 44.39 26.53
CA LEU B 64 -16.00 44.30 27.94
C LEU B 64 -15.76 45.63 28.65
N LYS B 65 -15.71 46.72 27.91
CA LYS B 65 -15.49 48.07 28.46
C LYS B 65 -16.23 48.38 29.76
N SER B 66 -17.43 47.85 29.90
CA SER B 66 -18.21 48.12 31.09
C SER B 66 -17.75 47.32 32.32
N ARG B 67 -17.14 46.16 32.09
CA ARG B 67 -16.64 45.31 33.17
C ARG B 67 -15.14 45.49 33.33
N LEU B 68 -14.53 46.26 32.43
CA LEU B 68 -13.09 46.49 32.45
C LEU B 68 -12.59 47.75 33.04
N SER B 69 -11.35 47.62 33.51
CA SER B 69 -10.54 48.69 34.11
C SER B 69 -9.02 48.37 33.90
N ILE B 70 -8.29 49.32 33.31
CA ILE B 70 -6.86 49.16 33.07
C ILE B 70 -6.16 50.39 33.62
N SER B 71 -5.05 50.18 34.32
CA SER B 71 -4.29 51.27 34.93
C SER B 71 -2.81 50.86 35.07
N LYS B 72 -1.98 51.76 35.58
CA LYS B 72 -0.56 51.46 35.74
C LYS B 72 0.14 52.31 36.77
N ASP B 73 1.37 51.90 37.06
CA ASP B 73 2.24 52.52 38.03
C ASP B 73 3.66 52.51 37.43
N ASN B 74 4.05 53.61 36.78
CA ASN B 74 5.35 53.71 36.13
C ASN B 74 6.48 53.53 37.11
N SER B 75 6.26 53.92 38.36
CA SER B 75 7.31 53.79 39.36
C SER B 75 7.61 52.33 39.75
N LYS B 76 6.59 51.47 39.70
CA LYS B 76 6.73 50.03 40.04
C LYS B 76 6.83 49.16 38.77
N SER B 77 6.66 49.81 37.63
CA SER B 77 6.69 49.16 36.34
C SER B 77 5.62 48.06 36.26
N GLN B 78 4.39 48.41 36.66
CA GLN B 78 3.27 47.46 36.65
C GLN B 78 2.02 47.98 35.95
N ILE B 79 1.29 47.06 35.37
CA ILE B 79 0.06 47.35 34.66
C ILE B 79 -1.03 46.50 35.31
N PHE B 80 -2.25 47.01 35.34
CA PHE B 80 -3.33 46.31 36.00
C PHE B 80 -4.57 46.07 35.14
N LEU B 81 -5.16 44.90 35.32
CA LEU B 81 -6.40 44.51 34.65
C LEU B 81 -7.41 44.10 35.75
N LYS B 82 -8.58 44.73 35.77
CA LYS B 82 -9.62 44.42 36.75
C LYS B 82 -10.91 44.21 35.94
N MET B 83 -11.34 42.95 35.85
CA MET B 83 -12.53 42.58 35.10
C MET B 83 -13.62 42.11 36.06
N ASN B 84 -14.83 42.65 35.93
CA ASN B 84 -15.94 42.29 36.81
C ASN B 84 -16.93 41.36 36.17
N SER B 85 -17.92 40.97 36.97
CA SER B 85 -19.01 40.07 36.55
C SER B 85 -18.46 38.91 35.76
N LEU B 86 -17.56 38.20 36.43
CA LEU B 86 -16.96 37.05 35.83
C LEU B 86 -18.04 36.03 35.49
N GLN B 87 -17.83 35.34 34.38
CA GLN B 87 -18.74 34.31 33.93
C GLN B 87 -17.79 33.22 33.56
N THR B 88 -18.22 31.96 33.63
CA THR B 88 -17.34 30.84 33.30
C THR B 88 -16.77 30.94 31.89
N ASP B 89 -17.21 31.99 31.19
CA ASP B 89 -16.83 32.26 29.84
C ASP B 89 -15.51 32.95 29.75
N ASP B 90 -15.20 33.72 30.79
CA ASP B 90 -13.96 34.48 30.88
C ASP B 90 -12.67 33.68 31.17
N SER B 91 -12.79 32.37 31.35
CA SER B 91 -11.63 31.55 31.60
C SER B 91 -10.72 31.65 30.37
N ALA B 92 -9.45 31.96 30.60
CA ALA B 92 -8.49 32.07 29.52
C ALA B 92 -7.09 32.16 30.06
N MET B 93 -6.16 32.27 29.11
CA MET B 93 -4.76 32.47 29.39
C MET B 93 -4.64 33.96 29.06
N TYR B 94 -4.42 34.75 30.11
CA TYR B 94 -4.30 36.21 30.01
C TYR B 94 -2.87 36.63 29.83
N TYR B 95 -2.64 37.65 28.99
CA TYR B 95 -1.31 38.18 28.71
C TYR B 95 -1.21 39.69 28.60
N CYS B 96 -0.06 40.24 28.96
CA CYS B 96 0.16 41.67 28.76
C CYS B 96 1.23 41.62 27.67
N VAL B 97 1.19 42.60 26.77
CA VAL B 97 2.14 42.69 25.68
C VAL B 97 2.56 44.13 25.50
N SER B 98 3.85 44.39 25.36
CA SER B 98 4.27 45.77 25.19
C SER B 98 4.91 46.01 23.85
N TYR B 99 4.78 47.25 23.41
CA TYR B 99 5.32 47.71 22.15
C TYR B 99 6.05 49.04 22.37
N GLY B 100 7.15 49.25 21.65
CA GLY B 100 7.91 50.47 21.78
C GLY B 100 9.26 50.23 21.14
N TYR B 101 10.03 51.30 20.94
CA TYR B 101 11.35 51.20 20.31
C TYR B 101 12.47 51.45 21.30
N GLY B 102 13.68 51.13 20.89
CA GLY B 102 14.81 51.34 21.75
C GLY B 102 15.37 50.07 22.37
N GLY B 103 14.61 48.98 22.40
CA GLY B 103 15.14 47.76 22.96
C GLY B 103 15.65 46.83 21.88
N ASP B 104 16.08 45.64 22.27
CA ASP B 104 16.55 44.67 21.29
C ASP B 104 15.38 44.06 20.51
N ARG B 105 14.19 44.53 20.82
CA ARG B 105 12.95 44.10 20.19
C ARG B 105 11.97 45.30 20.26
N PHE B 106 10.95 45.22 19.43
CA PHE B 106 9.91 46.24 19.37
C PHE B 106 8.81 45.74 20.31
N SER B 107 8.69 44.41 20.39
CA SER B 107 7.67 43.78 21.20
C SER B 107 8.14 42.71 22.17
N TYR B 108 7.44 42.71 23.29
CA TYR B 108 7.70 41.77 24.35
C TYR B 108 6.35 41.19 24.77
N TRP B 109 6.18 39.91 24.52
CA TRP B 109 4.94 39.22 24.86
C TRP B 109 5.14 38.42 26.16
N GLY B 110 4.42 38.80 27.22
CA GLY B 110 4.54 38.08 28.49
C GLY B 110 4.39 36.55 28.50
N GLN B 111 4.49 35.97 29.69
CA GLN B 111 4.39 34.51 29.89
C GLN B 111 2.98 33.93 29.77
N GLY B 112 2.02 34.72 30.23
CA GLY B 112 0.65 34.29 30.23
C GLY B 112 0.33 33.93 31.66
N THR B 113 -0.96 33.89 31.95
CA THR B 113 -1.43 33.52 33.26
C THR B 113 -2.78 32.89 33.04
N LEU B 114 -2.94 31.70 33.58
CA LEU B 114 -4.18 30.98 33.46
C LEU B 114 -5.17 31.45 34.53
N VAL B 115 -6.37 31.75 34.06
CA VAL B 115 -7.48 32.18 34.90
C VAL B 115 -8.51 31.15 34.58
N THR B 116 -8.91 30.41 35.60
CA THR B 116 -9.93 29.38 35.47
C THR B 116 -11.05 29.78 36.41
N VAL B 117 -12.06 30.41 35.81
CA VAL B 117 -13.25 30.87 36.50
C VAL B 117 -14.14 29.64 36.60
N SER B 118 -14.18 29.08 37.81
CA SER B 118 -14.90 27.84 38.10
C SER B 118 -15.50 27.81 39.50
N ASP C 1 10.64 12.60 -16.31
CA ASP C 1 11.40 12.79 -15.06
C ASP C 1 11.39 14.25 -14.69
N VAL C 2 10.67 15.06 -15.46
CA VAL C 2 10.55 16.46 -15.10
C VAL C 2 9.79 16.24 -13.79
N VAL C 3 10.20 16.86 -12.68
CA VAL C 3 9.49 16.62 -11.42
C VAL C 3 8.45 17.64 -11.01
N MET C 4 7.20 17.19 -10.94
CA MET C 4 6.07 18.03 -10.57
C MET C 4 5.83 17.96 -9.07
N THR C 5 5.66 19.12 -8.45
CA THR C 5 5.48 19.19 -7.01
C THR C 5 4.35 20.15 -6.62
N GLN C 6 3.34 19.65 -5.91
CA GLN C 6 2.22 20.50 -5.52
C GLN C 6 2.25 21.06 -4.11
N THR C 7 1.56 22.16 -3.92
CA THR C 7 1.58 22.80 -2.63
C THR C 7 0.32 23.61 -2.34
N PRO C 8 -0.29 23.39 -1.17
CA PRO C 8 0.18 22.41 -0.18
C PRO C 8 -0.43 21.06 -0.54
N SER C 9 -0.03 20.00 0.16
CA SER C 9 -0.58 18.67 -0.12
C SER C 9 -2.08 18.56 0.30
N SER C 10 -2.53 19.44 1.19
CA SER C 10 -3.92 19.48 1.63
C SER C 10 -4.17 20.77 2.43
N LEU C 11 -5.43 21.22 2.44
CA LEU C 11 -5.79 22.44 3.17
C LEU C 11 -7.29 22.57 3.42
N ALA C 12 -7.63 23.40 4.39
CA ALA C 12 -9.00 23.65 4.79
C ALA C 12 -9.40 25.06 4.44
N MET C 13 -10.50 25.18 3.70
CA MET C 13 -11.03 26.46 3.28
C MET C 13 -12.50 26.55 3.68
N SER C 14 -13.10 27.71 3.47
CA SER C 14 -14.49 27.94 3.81
C SER C 14 -15.17 28.55 2.63
N VAL C 15 -16.47 28.33 2.54
CA VAL C 15 -17.27 28.83 1.43
C VAL C 15 -17.06 30.32 1.19
N GLY C 16 -17.03 30.73 -0.08
CA GLY C 16 -16.86 32.14 -0.42
C GLY C 16 -15.44 32.68 -0.45
N GLN C 17 -14.51 31.94 0.16
CA GLN C 17 -13.11 32.33 0.23
C GLN C 17 -12.32 32.01 -1.07
N LYS C 18 -11.25 32.78 -1.28
CA LYS C 18 -10.38 32.65 -2.44
C LYS C 18 -9.30 31.60 -2.18
N VAL C 19 -9.36 30.51 -2.94
CA VAL C 19 -8.39 29.42 -2.79
C VAL C 19 -7.27 29.58 -3.78
N THR C 20 -6.07 29.20 -3.35
CA THR C 20 -4.87 29.27 -4.16
C THR C 20 -4.00 28.02 -3.94
N MET C 21 -3.70 27.29 -5.00
CA MET C 21 -2.86 26.10 -4.90
C MET C 21 -1.83 26.16 -6.00
N SER C 22 -0.63 25.69 -5.69
CA SER C 22 0.48 25.75 -6.62
C SER C 22 0.94 24.44 -7.19
N CYS C 23 1.71 24.53 -8.27
CA CYS C 23 2.28 23.36 -8.94
C CYS C 23 3.58 23.83 -9.64
N LYS C 24 4.71 23.16 -9.38
CA LYS C 24 6.00 23.55 -9.98
C LYS C 24 6.76 22.42 -10.65
N SER C 25 7.38 22.69 -11.79
CA SER C 25 8.15 21.66 -12.49
C SER C 25 9.63 21.88 -12.27
N SER C 26 10.39 20.79 -12.38
CA SER C 26 11.83 20.86 -12.18
C SER C 26 12.47 21.70 -13.31
N GLN C 27 11.82 21.73 -14.47
CA GLN C 27 12.30 22.48 -15.60
C GLN C 27 11.16 23.23 -16.21
N SER C 28 11.49 24.30 -16.94
CA SER C 28 10.49 25.13 -17.57
C SER C 28 9.66 24.31 -18.56
N LEU C 29 8.36 24.63 -18.62
CA LEU C 29 7.42 23.96 -19.51
C LEU C 29 6.96 24.91 -20.62
N LEU C 30 7.72 25.98 -20.84
CA LEU C 30 7.39 26.94 -21.87
C LEU C 30 8.03 26.56 -23.20
N ASN C 31 7.16 26.27 -24.17
CA ASN C 31 7.58 25.91 -25.51
C ASN C 31 7.88 27.21 -26.28
N ILE C 32 9.16 27.45 -26.52
CA ILE C 32 9.59 28.65 -27.24
C ILE C 32 9.45 28.43 -28.75
N SER C 33 8.20 28.46 -29.21
CA SER C 33 7.84 28.25 -30.61
C SER C 33 6.48 28.93 -30.76
N ASN C 34 5.63 28.68 -29.77
CA ASN C 34 4.29 29.24 -29.74
C ASN C 34 4.03 29.97 -28.43
N GLN C 35 5.03 29.97 -27.54
CA GLN C 35 4.95 30.63 -26.22
C GLN C 35 3.82 30.12 -25.32
N LYS C 36 3.44 28.86 -25.51
CA LYS C 36 2.40 28.24 -24.71
C LYS C 36 3.07 27.40 -23.63
N ASN C 37 2.57 27.51 -22.41
CA ASN C 37 3.10 26.72 -21.29
C ASN C 37 2.28 25.42 -21.27
N TYR C 38 2.96 24.29 -21.45
CA TYR C 38 2.32 22.96 -21.49
C TYR C 38 1.96 22.33 -20.12
N LEU C 39 1.04 22.99 -19.42
CA LEU C 39 0.59 22.56 -18.12
C LEU C 39 -0.95 22.60 -18.04
N ALA C 40 -1.52 21.56 -17.40
CA ALA C 40 -2.97 21.42 -17.24
C ALA C 40 -3.32 21.12 -15.79
N TRP C 41 -4.53 21.44 -15.38
CA TRP C 41 -5.00 21.15 -14.03
C TRP C 41 -6.28 20.28 -14.12
N TYR C 42 -6.38 19.30 -13.21
CA TYR C 42 -7.53 18.36 -13.17
C TYR C 42 -8.18 18.34 -11.82
N GLN C 43 -9.48 18.06 -11.82
CA GLN C 43 -10.25 17.96 -10.59
C GLN C 43 -10.72 16.52 -10.46
N GLN C 44 -10.68 15.97 -9.25
CA GLN C 44 -11.15 14.61 -9.06
C GLN C 44 -11.95 14.53 -7.78
N LYS C 45 -13.24 14.29 -7.98
CA LYS C 45 -14.20 14.14 -6.89
C LYS C 45 -14.27 12.64 -6.64
N PRO C 46 -14.56 12.23 -5.39
CA PRO C 46 -14.67 10.84 -4.92
C PRO C 46 -15.41 9.86 -5.85
N GLY C 47 -14.80 8.69 -6.09
CA GLY C 47 -15.36 7.66 -6.96
C GLY C 47 -15.57 8.03 -8.41
N GLN C 48 -14.91 9.12 -8.83
CA GLN C 48 -14.98 9.69 -10.19
C GLN C 48 -13.58 9.89 -10.78
N SER C 49 -13.44 9.73 -12.09
CA SER C 49 -12.14 9.93 -12.71
C SER C 49 -11.81 11.41 -12.72
N PRO C 50 -10.58 11.76 -13.12
CA PRO C 50 -10.29 13.19 -13.13
C PRO C 50 -10.97 13.83 -14.32
N LYS C 51 -11.16 15.14 -14.23
CA LYS C 51 -11.75 15.91 -15.31
C LYS C 51 -10.88 17.16 -15.46
N LEU C 52 -10.50 17.50 -16.69
CA LEU C 52 -9.65 18.65 -17.03
C LEU C 52 -10.33 19.95 -16.68
N LEU C 53 -9.57 20.86 -16.10
CA LEU C 53 -10.08 22.16 -15.72
C LEU C 53 -9.44 23.23 -16.62
N VAL C 54 -8.12 23.28 -16.62
CA VAL C 54 -7.41 24.28 -17.38
C VAL C 54 -6.28 23.65 -18.16
N TYR C 55 -6.17 24.01 -19.44
CA TYR C 55 -5.07 23.49 -20.23
C TYR C 55 -4.31 24.70 -20.71
N PHE C 56 -3.04 24.47 -21.03
CA PHE C 56 -2.13 25.53 -21.45
C PHE C 56 -1.98 26.59 -20.39
N ALA C 57 -1.95 26.15 -19.14
CA ALA C 57 -1.78 27.01 -17.98
C ALA C 57 -2.89 27.98 -17.62
N SER C 58 -3.72 28.40 -18.59
CA SER C 58 -4.79 29.36 -18.30
C SER C 58 -6.11 29.15 -19.06
N THR C 59 -6.09 28.30 -20.07
CA THR C 59 -7.30 28.08 -20.84
C THR C 59 -8.30 27.15 -20.17
N ARG C 60 -9.42 27.73 -19.73
CA ARG C 60 -10.46 26.94 -19.12
C ARG C 60 -11.01 25.97 -20.14
N GLU C 61 -11.39 24.79 -19.67
CA GLU C 61 -11.97 23.78 -20.52
C GLU C 61 -13.43 24.13 -20.65
N SER C 62 -14.05 23.64 -21.71
CA SER C 62 -15.46 23.87 -21.96
C SER C 62 -16.29 23.37 -20.78
N GLY C 63 -17.00 24.30 -20.14
CA GLY C 63 -17.86 23.94 -19.05
C GLY C 63 -17.33 24.21 -17.67
N VAL C 64 -16.14 24.79 -17.57
CA VAL C 64 -15.60 25.09 -16.24
C VAL C 64 -16.05 26.48 -15.73
N PRO C 65 -16.62 26.56 -14.53
CA PRO C 65 -17.05 27.88 -14.05
C PRO C 65 -15.91 28.91 -14.09
N ASP C 66 -16.28 30.20 -14.09
CA ASP C 66 -15.33 31.33 -14.14
C ASP C 66 -14.42 31.42 -12.92
N ARG C 67 -14.95 31.00 -11.78
CA ARG C 67 -14.19 31.06 -10.54
C ARG C 67 -12.82 30.39 -10.56
N PHE C 68 -12.62 29.42 -11.45
CA PHE C 68 -11.35 28.71 -11.58
C PHE C 68 -10.44 29.48 -12.55
N ILE C 69 -9.25 29.89 -12.08
CA ILE C 69 -8.34 30.63 -12.94
C ILE C 69 -6.92 30.07 -12.85
N GLY C 70 -6.44 29.55 -13.98
CA GLY C 70 -5.10 28.99 -14.06
C GLY C 70 -4.13 30.09 -14.46
N SER C 71 -2.96 30.14 -13.82
CA SER C 71 -1.98 31.16 -14.11
C SER C 71 -0.57 30.68 -13.87
N GLY C 72 0.38 31.57 -14.15
CA GLY C 72 1.79 31.24 -13.98
C GLY C 72 2.43 30.90 -15.31
N SER C 73 3.75 30.73 -15.29
CA SER C 73 4.51 30.41 -16.51
C SER C 73 5.88 29.83 -16.19
N GLY C 74 6.42 29.06 -17.13
CA GLY C 74 7.72 28.45 -16.95
C GLY C 74 7.75 27.25 -16.01
N THR C 75 8.07 27.50 -14.74
CA THR C 75 8.14 26.44 -13.75
C THR C 75 7.12 26.58 -12.61
N ASP C 76 6.59 27.80 -12.43
CA ASP C 76 5.61 28.07 -11.36
C ASP C 76 4.21 28.41 -11.85
N PHE C 77 3.24 27.60 -11.44
CA PHE C 77 1.87 27.83 -11.83
C PHE C 77 0.99 27.81 -10.63
N THR C 78 -0.21 28.33 -10.82
CA THR C 78 -1.18 28.43 -9.74
C THR C 78 -2.62 28.21 -10.22
N LEU C 79 -3.41 27.52 -9.39
CA LEU C 79 -4.83 27.33 -9.65
C LEU C 79 -5.52 28.14 -8.56
N THR C 80 -6.40 29.03 -8.97
CA THR C 80 -7.09 29.86 -8.01
C THR C 80 -8.60 29.62 -8.17
N ILE C 81 -9.32 29.62 -7.06
CA ILE C 81 -10.78 29.45 -7.12
C ILE C 81 -11.18 30.71 -6.39
N SER C 82 -11.66 31.70 -7.14
CA SER C 82 -12.01 32.99 -6.57
C SER C 82 -12.99 33.02 -5.40
N SER C 83 -14.12 32.34 -5.51
CA SER C 83 -15.07 32.29 -4.41
C SER C 83 -15.44 30.82 -4.42
N VAL C 84 -14.73 30.05 -3.61
CA VAL C 84 -14.94 28.62 -3.53
C VAL C 84 -16.34 28.18 -3.09
N GLN C 85 -16.83 27.13 -3.74
CA GLN C 85 -18.13 26.55 -3.45
C GLN C 85 -17.99 25.20 -2.80
N ALA C 86 -18.97 24.85 -1.99
CA ALA C 86 -18.95 23.60 -1.25
C ALA C 86 -18.69 22.41 -2.13
N GLU C 87 -19.26 22.44 -3.32
CA GLU C 87 -19.11 21.38 -4.30
C GLU C 87 -17.71 21.30 -4.92
N ASP C 88 -16.81 22.17 -4.45
CA ASP C 88 -15.42 22.24 -4.96
C ASP C 88 -14.43 21.45 -4.08
N GLN C 89 -14.92 20.89 -2.98
CA GLN C 89 -14.10 20.07 -2.11
C GLN C 89 -13.71 18.90 -3.00
N ALA C 90 -12.42 18.76 -3.29
CA ALA C 90 -11.99 17.68 -4.15
C ALA C 90 -10.47 17.64 -4.22
N ASP C 91 -9.94 16.75 -5.06
CA ASP C 91 -8.50 16.62 -5.27
C ASP C 91 -8.14 17.31 -6.56
N TYR C 92 -7.11 18.12 -6.49
CA TYR C 92 -6.66 18.85 -7.65
C TYR C 92 -5.27 18.45 -8.06
N PHE C 93 -5.10 17.99 -9.30
CA PHE C 93 -3.80 17.57 -9.79
C PHE C 93 -3.35 18.47 -10.94
N CYS C 94 -2.04 18.54 -11.15
CA CYS C 94 -1.47 19.30 -12.25
C CYS C 94 -0.69 18.27 -13.08
N GLN C 95 -0.71 18.42 -14.38
CA GLN C 95 0.01 17.48 -15.21
C GLN C 95 0.74 18.29 -16.27
N GLN C 96 2.02 17.96 -16.44
CA GLN C 96 2.82 18.62 -17.45
C GLN C 96 2.73 17.80 -18.74
N HIS C 97 2.61 18.52 -19.86
CA HIS C 97 2.50 17.92 -21.17
C HIS C 97 3.60 18.43 -22.11
N TYR C 98 4.71 18.87 -21.54
CA TYR C 98 5.85 19.38 -22.27
C TYR C 98 6.67 18.19 -22.79
N ARG C 99 7.16 17.34 -21.89
CA ARG C 99 7.93 16.17 -22.29
C ARG C 99 7.37 14.89 -21.70
N ALA C 100 7.72 13.77 -22.35
CA ALA C 100 7.31 12.43 -21.90
C ALA C 100 8.37 12.03 -20.88
N PRO C 101 7.98 11.34 -19.79
CA PRO C 101 6.60 10.96 -19.50
C PRO C 101 5.90 12.20 -18.95
N ARG C 102 4.64 12.37 -19.30
CA ARG C 102 3.90 13.55 -18.86
C ARG C 102 3.46 13.39 -17.42
N THR C 103 4.44 13.58 -16.56
CA THR C 103 4.33 13.44 -15.12
C THR C 103 3.22 14.24 -14.46
N PHE C 104 2.69 13.70 -13.35
CA PHE C 104 1.61 14.35 -12.60
C PHE C 104 2.16 14.89 -11.30
N GLY C 105 1.44 15.84 -10.73
CA GLY C 105 1.82 16.39 -9.45
C GLY C 105 1.27 15.47 -8.36
N GLY C 106 1.72 15.69 -7.13
CA GLY C 106 1.26 14.87 -6.04
C GLY C 106 -0.23 15.05 -5.79
N GLY C 107 -0.78 16.19 -6.16
CA GLY C 107 -2.19 16.44 -5.92
C GLY C 107 -2.38 17.30 -4.68
N THR C 108 -3.53 17.96 -4.60
CA THR C 108 -3.85 18.81 -3.46
C THR C 108 -5.28 18.49 -3.06
N LYS C 109 -5.44 17.93 -1.86
CA LYS C 109 -6.72 17.56 -1.32
C LYS C 109 -7.33 18.81 -0.69
N LEU C 110 -8.46 19.26 -1.24
CA LEU C 110 -9.12 20.49 -0.78
C LEU C 110 -10.36 20.28 0.07
N GLU C 111 -10.29 20.63 1.36
CA GLU C 111 -11.43 20.46 2.27
C GLU C 111 -12.20 21.75 2.46
N ILE C 112 -13.53 21.69 2.30
CA ILE C 112 -14.36 22.86 2.48
C ILE C 112 -15.26 22.71 3.66
N LYS C 113 -15.10 23.60 4.64
CA LYS C 113 -15.93 23.62 5.83
C LYS C 113 -17.04 24.64 5.62
N GLY D 1 -22.88 14.53 -24.06
CA GLY D 1 -22.78 13.16 -23.44
C GLY D 1 -22.69 12.08 -24.52
N GLN D 2 -22.53 12.49 -25.77
CA GLN D 2 -22.44 11.50 -26.80
C GLN D 2 -21.05 10.98 -27.11
N VAL D 3 -20.02 11.61 -26.54
CA VAL D 3 -18.64 11.16 -26.73
C VAL D 3 -18.28 10.30 -25.53
N GLN D 4 -17.87 9.07 -25.80
CA GLN D 4 -17.52 8.13 -24.75
C GLN D 4 -16.22 7.37 -25.02
N LEU D 5 -15.41 7.24 -23.97
CA LEU D 5 -14.15 6.49 -24.02
C LEU D 5 -14.42 5.33 -23.06
N VAL D 6 -14.56 4.10 -23.56
CA VAL D 6 -14.85 2.99 -22.66
C VAL D 6 -13.83 1.86 -22.68
N GLU D 7 -13.09 1.78 -21.56
CA GLU D 7 -12.05 0.80 -21.36
C GLU D 7 -12.56 -0.57 -20.94
N SER D 8 -12.01 -1.57 -21.60
CA SER D 8 -12.32 -2.96 -21.45
C SER D 8 -11.05 -3.59 -20.81
N GLY D 9 -11.20 -4.49 -19.84
CA GLY D 9 -10.06 -5.08 -19.19
C GLY D 9 -10.34 -6.49 -18.69
N PRO D 10 -9.40 -7.10 -17.97
CA PRO D 10 -9.54 -8.47 -17.42
C PRO D 10 -10.12 -8.62 -16.03
N GLY D 11 -10.01 -7.59 -15.22
CA GLY D 11 -10.51 -7.66 -13.86
C GLY D 11 -9.37 -8.15 -12.97
N LEU D 12 -9.51 -9.32 -12.36
CA LEU D 12 -8.43 -9.87 -11.54
C LEU D 12 -7.61 -10.68 -12.51
N VAL D 13 -6.30 -10.57 -12.37
CA VAL D 13 -5.39 -11.25 -13.27
C VAL D 13 -4.16 -11.81 -12.55
N ALA D 14 -3.80 -13.03 -12.92
CA ALA D 14 -2.65 -13.71 -12.32
C ALA D 14 -1.38 -13.01 -12.72
N PRO D 15 -0.45 -12.81 -11.77
CA PRO D 15 0.82 -12.15 -12.10
C PRO D 15 1.54 -13.03 -13.12
N SER D 16 2.56 -12.49 -13.76
CA SER D 16 3.29 -13.23 -14.79
C SER D 16 2.45 -13.21 -16.08
N GLN D 17 1.12 -13.18 -15.96
CA GLN D 17 0.23 -13.11 -17.12
C GLN D 17 0.35 -11.72 -17.73
N SER D 18 -0.10 -11.56 -18.97
CA SER D 18 0.01 -10.26 -19.64
C SER D 18 -1.33 -9.55 -19.77
N LEU D 19 -1.33 -8.29 -19.38
CA LEU D 19 -2.50 -7.42 -19.40
C LEU D 19 -2.82 -6.95 -20.83
N SER D 20 -4.08 -6.89 -21.21
CA SER D 20 -4.48 -6.38 -22.52
C SER D 20 -5.74 -5.59 -22.27
N ILE D 21 -5.67 -4.28 -22.45
CA ILE D 21 -6.81 -3.43 -22.22
C ILE D 21 -7.25 -2.86 -23.57
N THR D 22 -8.49 -2.39 -23.64
CA THR D 22 -9.01 -1.81 -24.86
C THR D 22 -9.86 -0.58 -24.61
N CYS D 23 -9.48 0.52 -25.24
CA CYS D 23 -10.21 1.79 -25.15
C CYS D 23 -11.11 1.91 -26.40
N THR D 24 -12.40 1.70 -26.20
CA THR D 24 -13.41 1.76 -27.24
C THR D 24 -13.96 3.18 -27.24
N VAL D 25 -13.71 3.92 -28.31
CA VAL D 25 -14.13 5.33 -28.42
C VAL D 25 -15.36 5.65 -29.26
N SER D 26 -16.14 6.64 -28.84
CA SER D 26 -17.30 7.04 -29.62
C SER D 26 -17.45 8.57 -29.75
N GLY D 27 -17.99 9.01 -30.90
CA GLY D 27 -18.24 10.41 -31.12
C GLY D 27 -17.13 11.30 -31.58
N ILE D 28 -15.93 10.76 -31.80
CA ILE D 28 -14.81 11.56 -32.30
C ILE D 28 -13.96 10.70 -33.21
N SER D 29 -13.17 11.36 -34.05
CA SER D 29 -12.28 10.70 -35.00
C SER D 29 -10.93 10.53 -34.32
N LEU D 30 -10.34 9.34 -34.42
CA LEU D 30 -9.06 9.11 -33.76
C LEU D 30 -7.89 9.82 -34.44
N SER D 31 -8.16 10.31 -35.65
CA SER D 31 -7.20 11.04 -36.47
C SER D 31 -7.01 12.46 -35.94
N ARG D 32 -8.09 13.03 -35.40
CA ARG D 32 -8.04 14.38 -34.84
C ARG D 32 -7.73 14.38 -33.34
N TYR D 33 -7.63 13.19 -32.76
CA TYR D 33 -7.40 13.11 -31.33
C TYR D 33 -6.23 12.26 -30.87
N ASN D 34 -5.63 12.70 -29.76
CA ASN D 34 -4.52 12.01 -29.14
C ASN D 34 -5.03 11.24 -27.93
N VAL D 35 -4.75 9.93 -27.87
CA VAL D 35 -5.17 9.08 -26.75
C VAL D 35 -4.00 8.69 -25.83
N HIS D 36 -4.12 9.01 -24.54
CA HIS D 36 -3.09 8.68 -23.57
C HIS D 36 -3.58 7.52 -22.70
N TRP D 37 -2.65 6.65 -22.27
CA TRP D 37 -2.97 5.56 -21.36
C TRP D 37 -2.39 6.04 -20.05
N VAL D 38 -3.20 6.02 -19.00
CA VAL D 38 -2.83 6.50 -17.68
C VAL D 38 -3.39 5.49 -16.67
N ARG D 39 -2.85 5.45 -15.46
CA ARG D 39 -3.37 4.57 -14.39
C ARG D 39 -3.35 5.31 -13.06
N GLN D 40 -4.17 4.90 -12.11
CA GLN D 40 -4.16 5.58 -10.83
C GLN D 40 -4.46 4.58 -9.70
N SER D 41 -3.73 4.74 -8.59
CA SER D 41 -3.88 3.88 -7.41
C SER D 41 -3.56 4.73 -6.20
N PRO D 42 -4.03 4.31 -5.01
CA PRO D 42 -3.73 5.14 -3.85
C PRO D 42 -2.24 5.20 -3.54
N GLY D 43 -1.59 4.03 -3.60
CA GLY D 43 -0.18 3.99 -3.30
C GLY D 43 0.67 4.69 -4.31
N LYS D 44 0.40 4.48 -5.59
CA LYS D 44 1.20 5.05 -6.68
C LYS D 44 0.80 6.43 -7.27
N GLY D 45 -0.36 6.97 -6.88
CA GLY D 45 -0.81 8.23 -7.45
C GLY D 45 -1.15 7.99 -8.92
N LEU D 46 -1.15 9.08 -9.71
CA LEU D 46 -1.44 8.98 -11.14
C LEU D 46 -0.14 8.79 -11.86
N GLU D 47 -0.11 7.88 -12.83
CA GLU D 47 1.11 7.61 -13.60
C GLU D 47 0.81 7.55 -15.07
N TRP D 48 1.61 8.26 -15.86
CA TRP D 48 1.45 8.32 -17.31
C TRP D 48 2.11 7.08 -17.90
N LEU D 49 1.36 6.33 -18.71
CA LEU D 49 1.88 5.11 -19.31
C LEU D 49 2.38 5.36 -20.72
N GLY D 50 1.60 6.08 -21.51
CA GLY D 50 2.01 6.37 -22.88
C GLY D 50 0.96 7.13 -23.66
N MET D 51 1.14 7.18 -24.97
CA MET D 51 0.18 7.88 -25.81
C MET D 51 0.33 7.53 -27.29
N ILE D 52 -0.68 7.87 -28.07
CA ILE D 52 -0.64 7.62 -29.52
C ILE D 52 -1.36 8.75 -30.30
N TRP D 53 -0.55 9.67 -30.87
CA TRP D 53 -1.05 10.84 -31.62
C TRP D 53 -1.99 10.43 -32.76
N GLY D 54 -2.83 11.37 -33.19
CA GLY D 54 -3.78 11.13 -34.26
C GLY D 54 -3.12 10.48 -35.46
N GLY D 55 -1.93 10.98 -35.77
CA GLY D 55 -1.18 10.45 -36.88
C GLY D 55 -0.19 9.37 -36.49
N GLY D 56 -0.67 8.30 -35.85
CA GLY D 56 0.18 7.16 -35.47
C GLY D 56 1.43 7.24 -34.58
N SER D 57 1.96 8.43 -34.31
CA SER D 57 3.17 8.57 -33.49
C SER D 57 2.94 8.09 -32.04
N ILE D 58 3.70 7.07 -31.61
CA ILE D 58 3.56 6.48 -30.27
C ILE D 58 4.70 6.81 -29.31
N GLU D 59 4.34 7.23 -28.11
CA GLU D 59 5.31 7.54 -27.07
C GLU D 59 5.00 6.64 -25.86
N TYR D 60 6.06 6.22 -25.16
CA TYR D 60 5.96 5.34 -24.00
C TYR D 60 6.57 5.94 -22.76
N ASN D 61 6.17 5.45 -21.59
CA ASN D 61 6.78 5.95 -20.36
C ASN D 61 8.12 5.22 -20.31
N PRO D 62 9.25 5.96 -20.46
CA PRO D 62 10.59 5.34 -20.44
C PRO D 62 10.72 4.19 -19.45
N ALA D 63 10.44 4.45 -18.18
CA ALA D 63 10.52 3.41 -17.14
C ALA D 63 9.79 2.11 -17.46
N LEU D 64 8.57 2.17 -18.00
CA LEU D 64 7.83 0.94 -18.33
C LEU D 64 7.87 0.56 -19.80
N LYS D 65 8.52 1.38 -20.61
CA LYS D 65 8.62 1.16 -22.05
C LYS D 65 9.01 -0.24 -22.48
N SER D 66 9.77 -0.92 -21.62
CA SER D 66 10.28 -2.28 -21.85
C SER D 66 9.25 -3.39 -21.87
N ARG D 67 8.15 -3.18 -21.16
CA ARG D 67 7.08 -4.16 -21.05
C ARG D 67 5.82 -3.68 -21.78
N LEU D 68 5.75 -2.38 -22.03
CA LEU D 68 4.61 -1.78 -22.68
C LEU D 68 4.55 -1.86 -24.16
N SER D 69 3.31 -1.87 -24.63
CA SER D 69 2.98 -1.90 -26.05
C SER D 69 1.65 -1.19 -26.24
N ILE D 70 1.64 -0.25 -27.21
CA ILE D 70 0.44 0.54 -27.50
C ILE D 70 0.19 0.60 -29.01
N SER D 71 -1.07 0.50 -29.41
CA SER D 71 -1.45 0.56 -30.81
C SER D 71 -2.90 1.04 -30.92
N LYS D 72 -3.42 1.16 -32.14
CA LYS D 72 -4.81 1.60 -32.34
C LYS D 72 -5.36 1.19 -33.69
N ASP D 73 -6.68 1.24 -33.80
CA ASP D 73 -7.38 0.88 -35.02
C ASP D 73 -8.40 1.97 -35.31
N ASN D 74 -8.09 2.83 -36.27
CA ASN D 74 -9.02 3.91 -36.61
C ASN D 74 -10.37 3.46 -37.13
N SER D 75 -10.41 2.45 -38.00
CA SER D 75 -11.68 1.99 -38.54
C SER D 75 -12.64 1.56 -37.47
N LYS D 76 -12.10 1.14 -36.34
CA LYS D 76 -12.93 0.68 -35.23
C LYS D 76 -12.90 1.62 -34.04
N SER D 77 -12.10 2.67 -34.16
CA SER D 77 -11.97 3.66 -33.10
C SER D 77 -11.62 3.05 -31.74
N GLN D 78 -10.61 2.20 -31.73
CA GLN D 78 -10.14 1.53 -30.51
C GLN D 78 -8.65 1.71 -30.30
N ILE D 79 -8.26 1.94 -29.06
CA ILE D 79 -6.87 2.12 -28.67
C ILE D 79 -6.51 0.92 -27.77
N PHE D 80 -5.30 0.40 -27.89
CA PHE D 80 -4.89 -0.78 -27.13
C PHE D 80 -3.70 -0.57 -26.21
N LEU D 81 -3.56 -1.47 -25.23
CA LEU D 81 -2.43 -1.45 -24.31
C LEU D 81 -2.09 -2.87 -23.89
N LYS D 82 -0.81 -3.14 -23.80
CA LYS D 82 -0.32 -4.45 -23.40
C LYS D 82 0.89 -4.24 -22.48
N MET D 83 0.79 -4.74 -21.27
CA MET D 83 1.87 -4.63 -20.30
C MET D 83 2.22 -6.04 -19.89
N ASN D 84 3.47 -6.44 -20.20
CA ASN D 84 3.98 -7.78 -19.93
C ASN D 84 4.58 -8.02 -18.56
N SER D 85 4.62 -9.31 -18.22
CA SER D 85 5.17 -9.79 -16.97
C SER D 85 4.69 -8.90 -15.82
N LEU D 86 3.40 -9.00 -15.56
CA LEU D 86 2.75 -8.23 -14.54
C LEU D 86 3.22 -8.62 -13.17
N GLN D 87 3.14 -7.69 -12.26
CA GLN D 87 3.46 -7.95 -10.88
C GLN D 87 2.34 -7.32 -10.06
N THR D 88 2.33 -7.55 -8.76
CA THR D 88 1.29 -7.05 -7.91
C THR D 88 1.21 -5.56 -7.69
N ASP D 89 2.30 -4.86 -8.02
CA ASP D 89 2.34 -3.40 -7.86
C ASP D 89 1.67 -2.74 -9.08
N ASP D 90 1.33 -3.56 -10.08
CA ASP D 90 0.69 -3.12 -11.30
C ASP D 90 -0.81 -2.90 -11.18
N SER D 91 -1.41 -3.36 -10.09
CA SER D 91 -2.84 -3.15 -9.89
C SER D 91 -3.11 -1.64 -9.85
N ALA D 92 -4.15 -1.21 -10.56
CA ALA D 92 -4.56 0.19 -10.61
C ALA D 92 -5.76 0.30 -11.51
N MET D 93 -6.34 1.49 -11.53
CA MET D 93 -7.45 1.77 -12.40
C MET D 93 -6.80 2.32 -13.66
N TYR D 94 -6.98 1.62 -14.77
CA TYR D 94 -6.42 2.05 -16.04
C TYR D 94 -7.41 2.92 -16.79
N TYR D 95 -6.89 4.00 -17.37
CA TYR D 95 -7.68 4.97 -18.12
C TYR D 95 -7.07 5.37 -19.47
N CYS D 96 -7.94 5.69 -20.44
CA CYS D 96 -7.49 6.27 -21.72
C CYS D 96 -8.07 7.68 -21.62
N VAL D 97 -7.31 8.67 -22.06
CA VAL D 97 -7.74 10.06 -22.02
C VAL D 97 -7.42 10.59 -23.39
N SER D 98 -8.37 11.28 -24.01
CA SER D 98 -8.14 11.82 -25.34
C SER D 98 -8.16 13.33 -25.31
N TYR D 99 -7.34 13.92 -26.18
CA TYR D 99 -7.19 15.36 -26.33
C TYR D 99 -7.15 15.72 -27.82
N GLY D 100 -7.89 16.76 -28.19
CA GLY D 100 -7.94 17.22 -29.57
C GLY D 100 -8.90 18.39 -29.73
N TYR D 101 -8.89 19.02 -30.89
CA TYR D 101 -9.80 20.13 -31.12
C TYR D 101 -10.93 19.66 -32.01
N GLY D 102 -12.05 20.38 -31.98
CA GLY D 102 -13.16 20.00 -32.81
C GLY D 102 -14.37 19.78 -31.93
N GLY D 103 -14.33 18.71 -31.14
CA GLY D 103 -15.43 18.41 -30.23
C GLY D 103 -15.80 19.60 -29.36
N ASP D 104 -16.80 19.41 -28.52
CA ASP D 104 -17.23 20.50 -27.66
C ASP D 104 -16.49 20.58 -26.35
N ARG D 105 -15.47 19.74 -26.24
CA ARG D 105 -14.59 19.67 -25.10
C ARG D 105 -13.23 19.43 -25.72
N PHE D 106 -12.20 19.93 -25.04
CA PHE D 106 -10.84 19.72 -25.49
C PHE D 106 -10.38 18.29 -25.20
N SER D 107 -10.91 17.69 -24.14
CA SER D 107 -10.56 16.34 -23.76
C SER D 107 -11.71 15.55 -23.16
N TYR D 108 -11.53 14.25 -23.26
CA TYR D 108 -12.47 13.31 -22.72
C TYR D 108 -11.63 12.30 -21.95
N TRP D 109 -11.94 12.13 -20.67
CA TRP D 109 -11.22 11.18 -19.83
C TRP D 109 -12.16 9.98 -19.58
N GLY D 110 -11.67 8.78 -19.92
CA GLY D 110 -12.43 7.55 -19.74
C GLY D 110 -13.04 7.22 -18.37
N GLN D 111 -13.85 6.16 -18.35
CA GLN D 111 -14.54 5.75 -17.13
C GLN D 111 -13.60 5.01 -16.18
N GLY D 112 -12.70 4.25 -16.80
CA GLY D 112 -11.73 3.44 -16.10
C GLY D 112 -12.09 1.97 -16.14
N THR D 113 -11.07 1.16 -15.95
CA THR D 113 -11.22 -0.29 -15.88
C THR D 113 -10.25 -0.72 -14.77
N LEU D 114 -10.77 -1.39 -13.75
CA LEU D 114 -9.93 -1.81 -12.65
C LEU D 114 -9.22 -3.11 -12.96
N VAL D 115 -7.90 -3.10 -12.76
CA VAL D 115 -7.06 -4.28 -12.95
C VAL D 115 -6.54 -4.64 -11.54
N THR D 116 -6.90 -5.85 -11.09
CA THR D 116 -6.47 -6.35 -9.77
C THR D 116 -5.57 -7.56 -10.00
N VAL D 117 -4.26 -7.34 -9.93
CA VAL D 117 -3.25 -8.38 -10.11
C VAL D 117 -3.17 -9.17 -8.83
N SER D 118 -3.55 -10.45 -8.94
CA SER D 118 -3.64 -11.34 -7.80
C SER D 118 -3.80 -12.81 -8.22
N ASP E 1 0.12 -27.99 7.22
CA ASP E 1 -1.36 -28.20 7.29
C ASP E 1 -1.86 -29.17 6.21
N VAL E 2 -3.17 -29.30 6.04
CA VAL E 2 -3.69 -30.27 5.08
C VAL E 2 -3.66 -29.77 3.64
N VAL E 3 -3.11 -30.58 2.73
CA VAL E 3 -3.02 -30.23 1.31
C VAL E 3 -4.02 -30.98 0.43
N MET E 4 -4.97 -30.23 -0.16
CA MET E 4 -6.00 -30.78 -1.04
C MET E 4 -5.58 -30.74 -2.50
N THR E 5 -5.53 -31.91 -3.13
CA THR E 5 -5.13 -32.04 -4.51
C THR E 5 -6.29 -32.55 -5.41
N GLN E 6 -6.58 -31.82 -6.49
CA GLN E 6 -7.65 -32.18 -7.43
C GLN E 6 -7.15 -32.66 -8.78
N THR E 7 -7.92 -33.51 -9.45
CA THR E 7 -7.49 -34.06 -10.74
C THR E 7 -8.65 -34.41 -11.66
N PRO E 8 -8.57 -34.01 -12.95
CA PRO E 8 -7.52 -33.25 -13.63
C PRO E 8 -7.75 -31.72 -13.59
N SER E 9 -6.74 -30.95 -14.01
CA SER E 9 -6.85 -29.48 -14.01
C SER E 9 -8.09 -29.04 -14.77
N SER E 10 -8.34 -29.73 -15.88
CA SER E 10 -9.49 -29.45 -16.73
C SER E 10 -9.68 -30.67 -17.61
N LEU E 11 -10.85 -30.74 -18.23
CA LEU E 11 -11.17 -31.83 -19.11
C LEU E 11 -12.23 -31.34 -20.10
N ALA E 12 -12.24 -31.92 -21.30
CA ALA E 12 -13.21 -31.58 -22.31
C ALA E 12 -14.21 -32.73 -22.37
N MET E 13 -15.49 -32.41 -22.27
CA MET E 13 -16.56 -33.41 -22.29
C MET E 13 -17.77 -32.96 -23.10
N SER E 14 -18.51 -33.93 -23.60
CA SER E 14 -19.71 -33.69 -24.38
C SER E 14 -20.92 -33.96 -23.49
N VAL E 15 -22.08 -33.38 -23.84
CA VAL E 15 -23.30 -33.61 -23.07
C VAL E 15 -23.54 -35.12 -22.98
N GLY E 16 -24.21 -35.57 -21.92
CA GLY E 16 -24.49 -36.98 -21.78
C GLY E 16 -23.31 -37.87 -21.40
N GLN E 17 -22.09 -37.35 -21.43
CA GLN E 17 -20.94 -38.17 -21.06
C GLN E 17 -20.82 -38.19 -19.53
N LYS E 18 -19.95 -39.04 -19.00
CA LYS E 18 -19.75 -39.15 -17.55
C LYS E 18 -18.54 -38.38 -17.05
N VAL E 19 -18.76 -37.44 -16.13
CA VAL E 19 -17.67 -36.68 -15.57
C VAL E 19 -17.20 -37.29 -14.26
N THR E 20 -15.90 -37.37 -14.12
CA THR E 20 -15.28 -37.98 -12.96
C THR E 20 -14.11 -37.09 -12.52
N MET E 21 -14.25 -36.41 -11.38
CA MET E 21 -13.16 -35.58 -10.87
C MET E 21 -12.86 -35.97 -9.45
N SER E 22 -11.57 -36.12 -9.17
CA SER E 22 -11.10 -36.51 -7.87
C SER E 22 -10.62 -35.31 -7.06
N CYS E 23 -10.32 -35.58 -5.80
CA CYS E 23 -9.79 -34.62 -4.85
C CYS E 23 -9.17 -35.56 -3.80
N LYS E 24 -7.89 -35.36 -3.51
CA LYS E 24 -7.20 -36.20 -2.55
C LYS E 24 -6.56 -35.36 -1.48
N SER E 25 -6.64 -35.83 -0.25
CA SER E 25 -6.06 -35.11 0.86
C SER E 25 -4.82 -35.81 1.45
N SER E 26 -3.89 -34.98 1.92
CA SER E 26 -2.62 -35.42 2.51
C SER E 26 -2.86 -36.24 3.78
N GLN E 27 -4.03 -36.05 4.38
CA GLN E 27 -4.45 -36.72 5.60
C GLN E 27 -5.92 -37.07 5.51
N SER E 28 -6.28 -38.12 6.26
CA SER E 28 -7.64 -38.61 6.35
C SER E 28 -8.55 -37.52 6.92
N LEU E 29 -9.72 -37.37 6.28
CA LEU E 29 -10.72 -36.39 6.66
C LEU E 29 -11.76 -36.95 7.61
N LEU E 30 -11.80 -38.28 7.68
CA LEU E 30 -12.72 -39.04 8.53
C LEU E 30 -12.59 -38.78 10.05
N ASN E 31 -13.72 -38.45 10.68
CA ASN E 31 -13.75 -38.19 12.11
C ASN E 31 -14.40 -39.35 12.87
N ILE E 32 -13.60 -39.97 13.75
CA ILE E 32 -14.07 -41.08 14.57
C ILE E 32 -14.67 -40.43 15.82
N SER E 33 -15.94 -40.12 15.70
CA SER E 33 -16.76 -39.48 16.73
C SER E 33 -18.15 -39.48 16.12
N ASN E 34 -18.18 -39.52 14.80
CA ASN E 34 -19.41 -39.53 14.05
C ASN E 34 -19.24 -40.18 12.70
N GLN E 35 -18.04 -40.69 12.43
CA GLN E 35 -17.77 -41.38 11.17
C GLN E 35 -18.05 -40.55 9.91
N LYS E 36 -18.21 -39.24 10.09
CA LYS E 36 -18.48 -38.36 8.97
C LYS E 36 -17.17 -37.89 8.33
N ASN E 37 -17.19 -37.69 7.01
CA ASN E 37 -16.01 -37.20 6.29
C ASN E 37 -16.20 -35.73 5.98
N TYR E 38 -15.28 -34.91 6.48
CA TYR E 38 -15.34 -33.48 6.29
C TYR E 38 -14.82 -32.94 4.98
N LEU E 39 -15.47 -33.34 3.91
CA LEU E 39 -15.10 -32.91 2.59
C LEU E 39 -16.31 -32.32 1.85
N ALA E 40 -16.11 -31.17 1.19
CA ALA E 40 -17.18 -30.51 0.46
C ALA E 40 -16.77 -30.20 -0.98
N TRP E 41 -17.78 -30.11 -1.86
CA TRP E 41 -17.53 -29.77 -3.26
C TRP E 41 -18.34 -28.51 -3.57
N TYR E 42 -17.77 -27.64 -4.39
CA TYR E 42 -18.45 -26.41 -4.79
C TYR E 42 -18.45 -26.21 -6.30
N GLN E 43 -19.44 -25.45 -6.75
CA GLN E 43 -19.58 -25.12 -8.15
C GLN E 43 -19.38 -23.62 -8.33
N GLN E 44 -18.57 -23.26 -9.32
CA GLN E 44 -18.37 -21.86 -9.60
C GLN E 44 -18.49 -21.58 -11.07
N LYS E 45 -19.52 -20.80 -11.40
CA LYS E 45 -19.78 -20.38 -12.77
C LYS E 45 -19.23 -18.96 -12.86
N PRO E 46 -18.99 -18.47 -14.09
CA PRO E 46 -18.46 -17.12 -14.31
C PRO E 46 -19.23 -16.01 -13.58
N GLY E 47 -18.50 -15.04 -13.04
CA GLY E 47 -19.11 -13.93 -12.35
C GLY E 47 -19.93 -14.29 -11.12
N GLN E 48 -19.75 -15.50 -10.62
CA GLN E 48 -20.47 -15.94 -9.44
C GLN E 48 -19.54 -16.44 -8.34
N SER E 49 -20.01 -16.38 -7.10
CA SER E 49 -19.25 -16.90 -5.98
C SER E 49 -19.42 -18.41 -6.07
N PRO E 50 -18.57 -19.19 -5.39
CA PRO E 50 -18.81 -20.63 -5.52
C PRO E 50 -20.04 -20.96 -4.67
N LYS E 51 -20.75 -22.01 -5.05
CA LYS E 51 -21.94 -22.44 -4.34
C LYS E 51 -21.75 -23.90 -3.94
N LEU E 52 -22.16 -24.25 -2.72
CA LEU E 52 -22.00 -25.64 -2.23
C LEU E 52 -22.76 -26.70 -3.03
N LEU E 53 -22.07 -27.76 -3.40
CA LEU E 53 -22.67 -28.88 -4.13
C LEU E 53 -22.90 -30.08 -3.22
N VAL E 54 -21.87 -30.47 -2.49
CA VAL E 54 -21.94 -31.61 -1.58
C VAL E 54 -21.12 -31.36 -0.32
N TYR E 55 -21.57 -31.94 0.80
CA TYR E 55 -20.85 -31.84 2.06
C TYR E 55 -20.88 -33.20 2.74
N PHE E 56 -19.87 -33.48 3.57
CA PHE E 56 -19.76 -34.79 4.21
C PHE E 56 -19.56 -35.82 3.11
N ALA E 57 -18.72 -35.45 2.14
CA ALA E 57 -18.36 -36.26 1.01
C ALA E 57 -19.49 -36.72 0.07
N SER E 58 -20.73 -36.81 0.56
CA SER E 58 -21.87 -37.30 -0.24
C SER E 58 -23.20 -36.53 -0.21
N THR E 59 -23.55 -35.93 0.93
CA THR E 59 -24.81 -35.18 1.09
C THR E 59 -24.99 -34.03 0.07
N ARG E 60 -25.90 -34.23 -0.88
CA ARG E 60 -26.19 -33.20 -1.88
C ARG E 60 -26.79 -31.99 -1.15
N GLU E 61 -26.53 -30.80 -1.68
CA GLU E 61 -27.06 -29.57 -1.09
C GLU E 61 -28.43 -29.33 -1.72
N SER E 62 -29.26 -28.52 -1.06
CA SER E 62 -30.59 -28.22 -1.55
C SER E 62 -30.57 -27.77 -3.01
N GLY E 63 -31.44 -28.36 -3.81
CA GLY E 63 -31.53 -28.02 -5.21
C GLY E 63 -30.54 -28.72 -6.12
N VAL E 64 -29.50 -29.31 -5.56
CA VAL E 64 -28.50 -29.97 -6.40
C VAL E 64 -29.02 -31.20 -7.15
N PRO E 65 -29.00 -31.15 -8.51
CA PRO E 65 -29.46 -32.24 -9.38
C PRO E 65 -28.72 -33.57 -9.07
N ASP E 66 -29.46 -34.67 -9.09
CA ASP E 66 -28.92 -35.99 -8.77
C ASP E 66 -27.84 -36.58 -9.67
N ARG E 67 -27.54 -35.95 -10.80
CA ARG E 67 -26.48 -36.48 -11.65
C ARG E 67 -25.16 -36.23 -10.91
N PHE E 68 -25.21 -35.39 -9.87
CA PHE E 68 -24.04 -35.05 -9.07
C PHE E 68 -23.83 -36.06 -7.92
N ILE E 69 -22.78 -36.88 -8.00
CA ILE E 69 -22.49 -37.89 -6.98
C ILE E 69 -21.18 -37.69 -6.21
N GLY E 70 -21.33 -37.46 -4.91
CA GLY E 70 -20.17 -37.31 -4.08
C GLY E 70 -19.81 -38.66 -3.51
N SER E 71 -18.64 -39.15 -3.86
CA SER E 71 -18.15 -40.42 -3.38
C SER E 71 -16.90 -40.05 -2.58
N GLY E 72 -16.38 -41.02 -1.83
CA GLY E 72 -15.16 -40.78 -1.06
C GLY E 72 -15.15 -41.19 0.39
N SER E 73 -13.94 -41.23 0.94
CA SER E 73 -13.67 -41.59 2.35
C SER E 73 -12.16 -41.47 2.66
N GLY E 74 -11.84 -41.12 3.91
CA GLY E 74 -10.45 -41.01 4.28
C GLY E 74 -9.65 -39.92 3.57
N THR E 75 -8.96 -40.28 2.50
CA THR E 75 -8.14 -39.31 1.80
C THR E 75 -8.46 -39.15 0.32
N ASP E 76 -9.13 -40.13 -0.27
CA ASP E 76 -9.41 -40.05 -1.70
C ASP E 76 -10.88 -39.95 -2.04
N PHE E 77 -11.30 -38.77 -2.53
CA PHE E 77 -12.70 -38.49 -2.88
C PHE E 77 -13.00 -38.36 -4.38
N THR E 78 -14.30 -38.25 -4.71
CA THR E 78 -14.72 -38.16 -6.10
C THR E 78 -16.07 -37.50 -6.39
N LEU E 79 -16.06 -36.43 -7.16
CA LEU E 79 -17.29 -35.80 -7.56
C LEU E 79 -17.54 -36.43 -8.90
N THR E 80 -18.78 -36.82 -9.13
CA THR E 80 -19.10 -37.48 -10.37
C THR E 80 -20.42 -36.95 -10.90
N ILE E 81 -20.48 -36.82 -12.20
CA ILE E 81 -21.69 -36.30 -12.81
C ILE E 81 -22.05 -37.34 -13.86
N SER E 82 -23.16 -38.02 -13.64
CA SER E 82 -23.63 -39.06 -14.55
C SER E 82 -23.82 -38.55 -15.99
N SER E 83 -24.94 -37.89 -16.25
CA SER E 83 -25.19 -37.34 -17.57
C SER E 83 -24.97 -35.83 -17.46
N VAL E 84 -23.87 -35.37 -18.06
CA VAL E 84 -23.50 -33.95 -18.05
C VAL E 84 -24.44 -33.08 -18.91
N GLN E 85 -24.95 -32.00 -18.33
CA GLN E 85 -25.83 -31.09 -19.08
C GLN E 85 -25.09 -29.76 -19.43
N ALA E 86 -25.74 -28.82 -20.11
CA ALA E 86 -25.05 -27.60 -20.55
C ALA E 86 -24.48 -26.71 -19.44
N GLU E 87 -25.40 -26.26 -18.59
CA GLU E 87 -25.15 -25.37 -17.46
C GLU E 87 -23.98 -25.81 -16.58
N ASP E 88 -23.82 -27.13 -16.49
CA ASP E 88 -22.76 -27.73 -15.69
C ASP E 88 -21.32 -27.29 -16.04
N GLN E 89 -21.14 -26.56 -17.16
CA GLN E 89 -19.81 -26.07 -17.57
C GLN E 89 -19.32 -25.05 -16.54
N ALA E 90 -18.46 -25.50 -15.64
CA ALA E 90 -17.97 -24.60 -14.62
C ALA E 90 -16.70 -25.13 -14.00
N ASP E 91 -16.36 -24.51 -12.88
CA ASP E 91 -15.20 -24.86 -12.10
C ASP E 91 -15.67 -25.61 -10.87
N TYR E 92 -14.91 -26.63 -10.50
CA TYR E 92 -15.27 -27.43 -9.34
C TYR E 92 -14.13 -27.47 -8.37
N PHE E 93 -14.42 -27.09 -7.13
CA PHE E 93 -13.41 -27.05 -6.09
C PHE E 93 -13.83 -27.90 -4.92
N CYS E 94 -12.85 -28.37 -4.15
CA CYS E 94 -13.11 -29.16 -2.94
C CYS E 94 -12.37 -28.50 -1.79
N GLN E 95 -13.04 -28.40 -0.65
CA GLN E 95 -12.44 -27.81 0.54
C GLN E 95 -12.62 -28.84 1.68
N GLN E 96 -11.66 -28.92 2.59
CA GLN E 96 -11.80 -29.83 3.70
C GLN E 96 -12.22 -29.03 4.94
N HIS E 97 -13.06 -29.61 5.77
CA HIS E 97 -13.50 -28.93 6.97
C HIS E 97 -13.09 -29.67 8.24
N TYR E 98 -12.14 -30.61 8.08
CA TYR E 98 -11.63 -31.41 9.19
C TYR E 98 -10.77 -30.53 10.15
N ARG E 99 -9.62 -30.02 9.68
CA ARG E 99 -8.76 -29.16 10.53
C ARG E 99 -8.55 -27.75 9.91
N ALA E 100 -8.20 -26.79 10.76
CA ALA E 100 -7.90 -25.42 10.33
C ALA E 100 -6.43 -25.44 9.91
N PRO E 101 -6.07 -24.69 8.83
CA PRO E 101 -6.89 -23.85 7.97
C PRO E 101 -7.63 -24.75 7.00
N ARG E 102 -8.91 -24.46 6.80
CA ARG E 102 -9.76 -25.27 5.90
C ARG E 102 -9.41 -25.06 4.44
N THR E 103 -8.27 -25.63 4.07
CA THR E 103 -7.73 -25.51 2.72
C THR E 103 -8.60 -25.98 1.55
N PHE E 104 -8.37 -25.33 0.39
CA PHE E 104 -9.07 -25.64 -0.84
C PHE E 104 -8.23 -26.38 -1.84
N GLY E 105 -8.91 -26.95 -2.81
CA GLY E 105 -8.26 -27.67 -3.90
C GLY E 105 -8.03 -26.66 -5.02
N GLY E 106 -7.19 -27.03 -5.98
CA GLY E 106 -6.87 -26.15 -7.07
C GLY E 106 -7.96 -26.03 -8.09
N GLY E 107 -8.95 -26.91 -7.99
CA GLY E 107 -10.05 -26.90 -8.92
C GLY E 107 -9.88 -27.69 -10.20
N THR E 108 -11.01 -27.96 -10.82
CA THR E 108 -11.10 -28.67 -12.09
C THR E 108 -12.04 -27.87 -13.00
N LYS E 109 -11.59 -27.56 -14.22
CA LYS E 109 -12.36 -26.81 -15.23
C LYS E 109 -13.13 -27.75 -16.18
N LEU E 110 -14.45 -27.69 -16.09
CA LEU E 110 -15.30 -28.55 -16.92
C LEU E 110 -15.60 -27.90 -18.27
N GLU E 111 -15.09 -28.51 -19.33
CA GLU E 111 -15.29 -28.04 -20.71
C GLU E 111 -16.37 -28.87 -21.39
N ILE E 112 -17.35 -28.19 -21.97
CA ILE E 112 -18.43 -28.87 -22.69
C ILE E 112 -18.27 -28.62 -24.18
N LYS E 113 -18.82 -29.53 -24.98
CA LYS E 113 -18.75 -29.41 -26.43
C LYS E 113 -20.17 -29.42 -26.98
N GLY F 1 -34.10 -15.65 -2.96
CA GLY F 1 -34.31 -16.16 -1.57
C GLY F 1 -33.65 -15.16 -0.65
N GLN F 2 -34.46 -14.24 -0.12
CA GLN F 2 -33.96 -13.18 0.75
C GLN F 2 -33.26 -13.66 2.02
N VAL F 3 -32.03 -14.12 1.83
CA VAL F 3 -31.13 -14.55 2.90
C VAL F 3 -29.89 -14.19 2.14
N GLN F 4 -29.50 -12.94 2.36
CA GLN F 4 -28.37 -12.37 1.68
C GLN F 4 -27.19 -12.04 2.59
N LEU F 5 -25.98 -12.30 2.09
CA LEU F 5 -24.74 -11.98 2.80
C LEU F 5 -24.08 -10.95 1.89
N VAL F 6 -23.88 -9.74 2.39
CA VAL F 6 -23.27 -8.69 1.58
C VAL F 6 -22.04 -8.07 2.24
N GLU F 7 -20.89 -8.30 1.61
CA GLU F 7 -19.63 -7.81 2.10
C GLU F 7 -19.43 -6.41 1.55
N SER F 8 -19.08 -5.57 2.51
CA SER F 8 -18.80 -4.15 2.39
C SER F 8 -17.27 -3.98 2.65
N GLY F 9 -16.56 -3.34 1.72
CA GLY F 9 -15.12 -3.13 1.85
C GLY F 9 -14.66 -1.78 1.35
N PRO F 10 -13.32 -1.52 1.25
CA PRO F 10 -12.81 -0.23 0.77
C PRO F 10 -12.60 -0.11 -0.75
N GLY F 11 -12.43 -1.25 -1.43
CA GLY F 11 -12.22 -1.23 -2.86
C GLY F 11 -10.74 -1.18 -3.18
N LEU F 12 -10.21 0.01 -3.46
CA LEU F 12 -8.78 0.22 -3.71
C LEU F 12 -8.16 0.72 -2.41
N VAL F 13 -7.00 0.19 -2.07
CA VAL F 13 -6.36 0.52 -0.80
C VAL F 13 -4.86 0.64 -0.97
N ALA F 14 -4.25 1.55 -0.23
CA ALA F 14 -2.80 1.68 -0.32
C ALA F 14 -2.16 0.66 0.62
N PRO F 15 -0.99 0.14 0.23
CA PRO F 15 -0.24 -0.84 1.04
C PRO F 15 0.17 -0.17 2.35
N SER F 16 0.63 -0.94 3.33
CA SER F 16 1.04 -0.40 4.64
C SER F 16 -0.16 0.11 5.45
N GLN F 17 -1.34 0.10 4.86
CA GLN F 17 -2.59 0.52 5.50
C GLN F 17 -3.32 -0.72 6.03
N SER F 18 -4.48 -0.52 6.62
CA SER F 18 -5.24 -1.64 7.16
C SER F 18 -6.57 -1.84 6.45
N LEU F 19 -6.95 -3.11 6.34
CA LEU F 19 -8.20 -3.50 5.70
C LEU F 19 -9.29 -3.67 6.77
N SER F 20 -10.55 -3.47 6.37
CA SER F 20 -11.70 -3.62 7.25
C SER F 20 -12.96 -3.91 6.43
N ILE F 21 -13.29 -5.19 6.38
CA ILE F 21 -14.43 -5.65 5.63
C ILE F 21 -15.53 -5.99 6.60
N THR F 22 -16.77 -5.86 6.14
CA THR F 22 -17.94 -6.15 6.94
C THR F 22 -18.91 -6.99 6.17
N CYS F 23 -19.35 -8.07 6.79
CA CYS F 23 -20.31 -8.97 6.18
C CYS F 23 -21.67 -8.77 6.86
N THR F 24 -22.50 -7.95 6.24
CA THR F 24 -23.83 -7.71 6.76
C THR F 24 -24.68 -8.85 6.26
N VAL F 25 -25.32 -9.54 7.20
CA VAL F 25 -26.12 -10.70 6.87
C VAL F 25 -27.60 -10.51 7.17
N SER F 26 -28.45 -10.89 6.22
CA SER F 26 -29.87 -10.73 6.42
C SER F 26 -30.66 -11.92 5.90
N GLY F 27 -31.40 -12.53 6.82
CA GLY F 27 -32.22 -13.69 6.52
C GLY F 27 -32.02 -14.76 7.58
N ILE F 28 -30.84 -14.78 8.19
CA ILE F 28 -30.50 -15.78 9.19
C ILE F 28 -30.01 -15.17 10.51
N SER F 29 -30.08 -15.96 11.58
CA SER F 29 -29.61 -15.50 12.89
C SER F 29 -28.20 -16.06 12.98
N LEU F 30 -27.28 -15.24 13.45
CA LEU F 30 -25.88 -15.64 13.52
C LEU F 30 -25.52 -16.67 14.55
N SER F 31 -26.14 -16.60 15.72
CA SER F 31 -25.86 -17.60 16.74
C SER F 31 -26.14 -18.99 16.17
N ARG F 32 -27.08 -19.06 15.22
CA ARG F 32 -27.46 -20.32 14.59
C ARG F 32 -26.48 -20.71 13.48
N TYR F 33 -25.79 -19.72 12.91
CA TYR F 33 -24.85 -19.95 11.82
C TYR F 33 -23.39 -19.66 12.08
N ASN F 34 -22.53 -20.48 11.51
CA ASN F 34 -21.08 -20.29 11.63
C ASN F 34 -20.66 -19.50 10.37
N VAL F 35 -19.96 -18.37 10.54
CA VAL F 35 -19.53 -17.54 9.40
C VAL F 35 -18.01 -17.54 9.17
N HIS F 36 -17.62 -17.97 7.96
CA HIS F 36 -16.23 -18.06 7.50
C HIS F 36 -15.80 -16.86 6.66
N TRP F 37 -14.54 -16.48 6.80
CA TRP F 37 -13.97 -15.42 5.99
C TRP F 37 -13.02 -16.08 4.98
N VAL F 38 -13.29 -15.88 3.68
CA VAL F 38 -12.49 -16.46 2.61
C VAL F 38 -12.15 -15.39 1.54
N ARG F 39 -11.16 -15.65 0.68
CA ARG F 39 -10.78 -14.71 -0.39
C ARG F 39 -10.35 -15.44 -1.67
N GLN F 40 -10.56 -14.83 -2.82
CA GLN F 40 -10.20 -15.46 -4.08
C GLN F 40 -9.43 -14.61 -5.13
N SER F 41 -8.44 -15.25 -5.77
CA SER F 41 -7.56 -14.64 -6.78
C SER F 41 -7.11 -15.68 -7.76
N PRO F 42 -6.93 -15.31 -9.04
CA PRO F 42 -6.48 -16.38 -9.94
C PRO F 42 -5.06 -16.93 -9.69
N GLY F 43 -4.20 -16.13 -9.05
CA GLY F 43 -2.85 -16.60 -8.78
C GLY F 43 -2.77 -17.39 -7.49
N LYS F 44 -3.54 -16.92 -6.50
CA LYS F 44 -3.61 -17.51 -5.17
C LYS F 44 -4.76 -18.51 -4.92
N GLY F 45 -5.62 -18.72 -5.92
CA GLY F 45 -6.73 -19.64 -5.76
C GLY F 45 -7.62 -19.28 -4.57
N LEU F 46 -8.30 -20.29 -4.01
CA LEU F 46 -9.19 -20.11 -2.87
C LEU F 46 -8.37 -20.21 -1.60
N GLU F 47 -8.60 -19.29 -0.67
CA GLU F 47 -7.84 -19.24 0.55
C GLU F 47 -8.74 -18.99 1.77
N TRP F 48 -8.62 -19.89 2.75
CA TRP F 48 -9.41 -19.80 3.97
C TRP F 48 -8.71 -18.89 4.99
N LEU F 49 -9.41 -17.85 5.44
CA LEU F 49 -8.82 -16.90 6.38
C LEU F 49 -9.10 -17.18 7.84
N GLY F 50 -10.36 -17.47 8.12
CA GLY F 50 -10.76 -17.72 9.49
C GLY F 50 -12.26 -17.85 9.58
N MET F 51 -12.78 -17.92 10.79
CA MET F 51 -14.23 -18.06 11.01
C MET F 51 -14.61 -17.71 12.45
N ILE F 52 -15.91 -17.68 12.70
CA ILE F 52 -16.45 -17.42 14.03
C ILE F 52 -17.73 -18.28 14.17
N TRP F 53 -17.68 -19.25 15.09
CA TRP F 53 -18.80 -20.15 15.33
C TRP F 53 -20.00 -19.38 15.87
N GLY F 54 -21.20 -19.94 15.72
CA GLY F 54 -22.37 -19.27 16.24
C GLY F 54 -22.11 -19.02 17.71
N GLY F 55 -21.41 -19.97 18.32
CA GLY F 55 -21.08 -19.87 19.73
C GLY F 55 -20.10 -18.78 20.07
N GLY F 56 -19.69 -17.98 19.08
CA GLY F 56 -18.76 -16.89 19.34
C GLY F 56 -17.28 -17.26 19.42
N SER F 57 -16.93 -18.49 19.03
CA SER F 57 -15.55 -18.95 19.06
C SER F 57 -14.87 -18.52 17.76
N ILE F 58 -13.63 -18.06 17.83
CA ILE F 58 -12.91 -17.59 16.64
C ILE F 58 -11.67 -18.40 16.25
N GLU F 59 -11.49 -18.61 14.95
CA GLU F 59 -10.32 -19.35 14.41
C GLU F 59 -9.72 -18.59 13.22
N TYR F 60 -8.38 -18.45 13.21
CA TYR F 60 -7.67 -17.73 12.16
C TYR F 60 -6.74 -18.69 11.43
N ASN F 61 -6.39 -18.35 10.20
CA ASN F 61 -5.45 -19.15 9.41
C ASN F 61 -4.13 -18.88 10.15
N PRO F 62 -3.34 -19.94 10.47
CA PRO F 62 -2.06 -19.75 11.18
C PRO F 62 -1.12 -18.69 10.56
N ALA F 63 -0.94 -18.78 9.24
CA ALA F 63 -0.08 -17.86 8.52
C ALA F 63 -0.49 -16.38 8.60
N LEU F 64 -1.79 -16.11 8.71
CA LEU F 64 -2.20 -14.70 8.76
C LEU F 64 -2.65 -14.37 10.15
N LYS F 65 -2.54 -15.34 11.05
CA LYS F 65 -3.00 -15.20 12.44
C LYS F 65 -2.57 -13.91 13.09
N SER F 66 -1.28 -13.61 12.97
CA SER F 66 -0.69 -12.40 13.55
C SER F 66 -1.39 -11.11 13.12
N ARG F 67 -1.65 -11.01 11.81
CA ARG F 67 -2.27 -9.84 11.20
C ARG F 67 -3.81 -9.82 11.22
N LEU F 68 -4.44 -10.98 11.35
CA LEU F 68 -5.91 -11.03 11.34
C LEU F 68 -6.64 -10.73 12.64
N SER F 69 -7.92 -10.44 12.50
CA SER F 69 -8.82 -10.13 13.61
C SER F 69 -10.26 -10.27 13.11
N ILE F 70 -11.03 -11.14 13.77
CA ILE F 70 -12.41 -11.40 13.40
C ILE F 70 -13.33 -11.22 14.59
N SER F 71 -14.47 -10.61 14.36
CA SER F 71 -15.44 -10.40 15.43
C SER F 71 -16.86 -10.32 14.83
N LYS F 72 -17.88 -10.26 15.68
CA LYS F 72 -19.27 -10.16 15.22
C LYS F 72 -20.16 -9.45 16.22
N ASP F 73 -21.40 -9.21 15.79
CA ASP F 73 -22.39 -8.53 16.60
C ASP F 73 -23.75 -9.04 16.15
N ASN F 74 -24.19 -10.14 16.76
CA ASN F 74 -25.47 -10.77 16.40
C ASN F 74 -26.66 -9.81 16.43
N SER F 75 -26.68 -8.91 17.42
CA SER F 75 -27.76 -7.94 17.55
C SER F 75 -27.91 -7.14 16.24
N LYS F 76 -26.79 -6.64 15.71
CA LYS F 76 -26.79 -5.88 14.46
C LYS F 76 -26.65 -6.80 13.23
N SER F 77 -26.40 -8.07 13.48
CA SER F 77 -26.28 -9.08 12.44
C SER F 77 -25.10 -8.81 11.49
N GLN F 78 -23.94 -8.55 12.07
CA GLN F 78 -22.75 -8.28 11.28
C GLN F 78 -21.54 -9.08 11.71
N ILE F 79 -20.73 -9.45 10.73
CA ILE F 79 -19.51 -10.18 10.99
C ILE F 79 -18.41 -9.29 10.41
N PHE F 80 -17.36 -9.06 11.20
CA PHE F 80 -16.25 -8.22 10.81
C PHE F 80 -14.93 -8.96 10.58
N LEU F 81 -14.06 -8.35 9.77
CA LEU F 81 -12.72 -8.85 9.44
C LEU F 81 -11.81 -7.62 9.27
N LYS F 82 -10.57 -7.72 9.73
CA LYS F 82 -9.65 -6.59 9.65
C LYS F 82 -8.23 -7.07 9.48
N MET F 83 -7.62 -6.86 8.31
CA MET F 83 -6.23 -7.25 8.09
C MET F 83 -5.30 -6.03 8.29
N ASN F 84 -4.11 -6.28 8.82
CA ASN F 84 -3.14 -5.22 9.08
C ASN F 84 -1.95 -5.27 8.14
N SER F 85 -1.33 -4.11 7.98
CA SER F 85 -0.16 -3.96 7.13
C SER F 85 -0.42 -4.64 5.78
N LEU F 86 -1.43 -4.10 5.05
CA LEU F 86 -1.83 -4.62 3.76
C LEU F 86 -0.63 -4.67 2.85
N GLN F 87 -0.65 -5.62 1.93
CA GLN F 87 0.46 -5.83 1.02
C GLN F 87 -0.13 -6.12 -0.35
N THR F 88 0.60 -5.79 -1.40
CA THR F 88 0.13 -6.01 -2.75
C THR F 88 -0.41 -7.43 -2.97
N ASP F 89 0.14 -8.39 -2.20
CA ASP F 89 -0.30 -9.79 -2.29
C ASP F 89 -1.71 -9.99 -1.78
N ASP F 90 -2.16 -9.10 -0.91
CA ASP F 90 -3.49 -9.16 -0.31
C ASP F 90 -4.67 -8.78 -1.16
N SER F 91 -4.40 -8.40 -2.40
CA SER F 91 -5.47 -8.04 -3.29
C SER F 91 -6.20 -9.34 -3.64
N ALA F 92 -7.53 -9.32 -3.53
CA ALA F 92 -8.32 -10.50 -3.87
C ALA F 92 -9.78 -10.14 -3.74
N MET F 93 -10.62 -11.12 -4.04
CA MET F 93 -12.06 -10.98 -3.88
C MET F 93 -12.46 -11.63 -2.53
N TYR F 94 -12.75 -10.78 -1.54
CA TYR F 94 -13.12 -11.19 -0.17
C TYR F 94 -14.59 -11.54 0.08
N TYR F 95 -14.83 -12.74 0.60
CA TYR F 95 -16.17 -13.19 0.90
C TYR F 95 -16.31 -13.75 2.30
N CYS F 96 -17.55 -13.77 2.76
CA CYS F 96 -17.90 -14.39 4.03
C CYS F 96 -18.83 -15.52 3.52
N VAL F 97 -18.85 -16.65 4.21
CA VAL F 97 -19.65 -17.80 3.81
C VAL F 97 -20.25 -18.41 5.07
N SER F 98 -21.56 -18.68 5.08
CA SER F 98 -22.21 -19.24 6.29
C SER F 98 -22.70 -20.68 6.16
N TYR F 99 -22.55 -21.45 7.24
CA TYR F 99 -22.99 -22.85 7.30
C TYR F 99 -23.79 -23.04 8.56
N GLY F 100 -24.84 -23.83 8.43
CA GLY F 100 -25.71 -24.11 9.55
C GLY F 100 -26.97 -24.77 9.04
N TYR F 101 -27.70 -25.43 9.93
CA TYR F 101 -28.94 -26.09 9.54
C TYR F 101 -30.11 -25.17 9.91
N GLY F 102 -31.29 -25.49 9.39
CA GLY F 102 -32.47 -24.70 9.69
C GLY F 102 -32.89 -23.78 8.56
N GLY F 103 -32.28 -23.95 7.40
CA GLY F 103 -32.64 -23.12 6.28
C GLY F 103 -32.94 -24.01 5.11
N ASP F 104 -33.22 -23.37 3.98
CA ASP F 104 -33.53 -24.11 2.75
C ASP F 104 -32.20 -24.47 2.13
N ARG F 105 -31.14 -24.00 2.76
CA ARG F 105 -29.78 -24.22 2.32
C ARG F 105 -28.87 -24.43 3.53
N PHE F 106 -27.83 -25.26 3.35
CA PHE F 106 -26.88 -25.53 4.41
C PHE F 106 -25.83 -24.39 4.45
N SER F 107 -25.54 -23.79 3.29
CA SER F 107 -24.58 -22.70 3.24
C SER F 107 -25.02 -21.54 2.37
N TYR F 108 -24.42 -20.37 2.60
CA TYR F 108 -24.71 -19.17 1.84
C TYR F 108 -23.39 -18.50 1.56
N TRP F 109 -23.04 -18.37 0.29
CA TRP F 109 -21.79 -17.72 -0.08
C TRP F 109 -22.17 -16.27 -0.43
N GLY F 110 -21.47 -15.30 0.17
CA GLY F 110 -21.77 -13.89 -0.06
C GLY F 110 -21.56 -13.43 -1.49
N GLN F 111 -21.78 -12.14 -1.74
CA GLN F 111 -21.61 -11.56 -3.09
C GLN F 111 -20.13 -11.38 -3.35
N GLY F 112 -19.45 -10.88 -2.30
CA GLY F 112 -18.04 -10.61 -2.30
C GLY F 112 -17.76 -9.12 -2.41
N THR F 113 -16.54 -8.73 -2.07
CA THR F 113 -16.10 -7.35 -2.15
C THR F 113 -14.68 -7.48 -2.70
N LEU F 114 -14.35 -6.76 -3.77
CA LEU F 114 -13.00 -6.86 -4.32
C LEU F 114 -12.09 -5.89 -3.61
N VAL F 115 -10.92 -6.38 -3.19
CA VAL F 115 -9.94 -5.52 -2.52
C VAL F 115 -8.73 -5.45 -3.41
N THR F 116 -8.40 -4.24 -3.83
CA THR F 116 -7.29 -4.00 -4.72
C THR F 116 -6.26 -3.07 -4.06
N VAL F 117 -5.24 -3.68 -3.43
CA VAL F 117 -4.19 -2.96 -2.74
C VAL F 117 -3.09 -2.56 -3.73
N SER F 118 -2.77 -1.28 -3.77
CA SER F 118 -1.77 -0.76 -4.70
C SER F 118 -1.63 0.74 -4.56
N ASP G 1 5.84 -30.73 -5.99
CA ASP G 1 4.62 -30.56 -5.14
C ASP G 1 4.89 -30.25 -3.67
N VAL G 2 5.71 -31.04 -2.98
CA VAL G 2 5.97 -30.73 -1.57
C VAL G 2 6.75 -29.42 -1.56
N VAL G 3 6.25 -28.42 -0.84
CA VAL G 3 6.87 -27.09 -0.79
C VAL G 3 7.72 -26.84 0.44
N MET G 4 9.00 -26.49 0.24
CA MET G 4 9.93 -26.21 1.35
C MET G 4 10.00 -24.72 1.71
N THR G 5 10.06 -24.44 3.00
CA THR G 5 10.10 -23.06 3.45
C THR G 5 11.12 -22.80 4.56
N GLN G 6 12.10 -21.96 4.25
CA GLN G 6 13.14 -21.62 5.22
C GLN G 6 12.94 -20.26 5.85
N THR G 7 13.36 -20.14 7.11
CA THR G 7 13.19 -18.91 7.87
C THR G 7 14.18 -18.90 9.02
N PRO G 8 14.85 -17.76 9.24
CA PRO G 8 14.67 -16.56 8.42
C PRO G 8 15.50 -16.61 7.13
N SER G 9 15.19 -15.76 6.16
CA SER G 9 15.92 -15.76 4.90
C SER G 9 17.32 -15.16 5.06
N SER G 10 17.56 -14.59 6.24
CA SER G 10 18.84 -13.95 6.57
C SER G 10 19.02 -13.68 8.06
N LEU G 11 20.27 -13.69 8.52
CA LEU G 11 20.57 -13.39 9.92
C LEU G 11 22.05 -13.07 10.12
N ALA G 12 22.33 -12.13 11.02
CA ALA G 12 23.70 -11.72 11.35
C ALA G 12 23.98 -12.15 12.79
N MET G 13 25.08 -12.86 13.01
CA MET G 13 25.43 -13.33 14.35
C MET G 13 26.91 -13.12 14.57
N SER G 14 27.38 -13.31 15.80
CA SER G 14 28.80 -13.16 16.11
C SER G 14 29.39 -14.44 16.67
N VAL G 15 30.66 -14.68 16.34
CA VAL G 15 31.42 -15.84 16.78
C VAL G 15 31.09 -16.26 18.21
N GLY G 16 30.71 -17.53 18.39
CA GLY G 16 30.38 -18.04 19.70
C GLY G 16 28.89 -18.24 19.91
N GLN G 17 28.08 -17.37 19.29
CA GLN G 17 26.62 -17.44 19.40
C GLN G 17 26.06 -18.77 18.88
N LYS G 18 24.81 -19.02 19.25
CA LYS G 18 24.10 -20.24 18.87
C LYS G 18 23.16 -19.84 17.74
N VAL G 19 23.26 -20.52 16.55
CA VAL G 19 22.39 -20.19 15.46
C VAL G 19 21.31 -21.24 15.18
N THR G 20 20.09 -20.74 14.90
CA THR G 20 18.96 -21.60 14.62
C THR G 20 18.22 -21.15 13.37
N MET G 21 18.10 -22.05 12.40
CA MET G 21 17.41 -21.81 11.13
C MET G 21 16.51 -23.00 10.85
N SER G 22 15.23 -22.72 10.58
CA SER G 22 14.27 -23.78 10.33
C SER G 22 13.92 -24.03 8.89
N CYS G 23 13.37 -25.22 8.65
CA CYS G 23 12.95 -25.66 7.34
C CYS G 23 11.63 -26.36 7.57
N LYS G 24 10.59 -25.87 6.89
CA LYS G 24 9.27 -26.45 7.02
C LYS G 24 8.82 -27.08 5.74
N SER G 25 8.25 -28.25 5.91
CA SER G 25 7.76 -29.03 4.79
C SER G 25 6.24 -28.84 4.75
N SER G 26 5.66 -28.73 3.55
CA SER G 26 4.22 -28.58 3.43
C SER G 26 3.56 -29.91 3.83
N GLN G 27 4.32 -30.99 3.66
CA GLN G 27 3.86 -32.31 3.98
C GLN G 27 4.90 -33.10 4.80
N SER G 28 4.41 -34.07 5.57
CA SER G 28 5.25 -34.91 6.41
C SER G 28 6.32 -35.59 5.59
N LEU G 29 7.52 -35.65 6.17
CA LEU G 29 8.66 -36.29 5.52
C LEU G 29 9.03 -37.61 6.19
N LEU G 30 8.29 -37.95 7.25
CA LEU G 30 8.51 -39.18 8.01
C LEU G 30 7.96 -40.40 7.25
N ASN G 31 8.83 -41.37 7.04
CA ASN G 31 8.46 -42.56 6.29
C ASN G 31 7.95 -43.74 7.15
N ILE G 32 6.66 -44.07 6.98
CA ILE G 32 5.98 -45.16 7.70
C ILE G 32 6.57 -46.50 7.23
N SER G 33 7.76 -46.87 7.72
CA SER G 33 8.42 -48.12 7.31
C SER G 33 9.74 -48.24 8.02
N ASN G 34 10.49 -47.14 8.01
CA ASN G 34 11.78 -47.10 8.65
C ASN G 34 11.71 -45.98 9.65
N GLN G 35 10.59 -45.25 9.62
CA GLN G 35 10.38 -44.12 10.50
C GLN G 35 11.48 -43.11 10.30
N LYS G 36 11.97 -43.01 9.07
CA LYS G 36 13.05 -42.08 8.75
C LYS G 36 12.48 -40.85 8.08
N ASN G 37 12.98 -39.70 8.48
CA ASN G 37 12.57 -38.43 7.91
C ASN G 37 13.55 -38.10 6.78
N TYR G 38 13.05 -38.03 5.56
CA TYR G 38 13.91 -37.71 4.44
C TYR G 38 14.18 -36.21 4.24
N LEU G 39 14.99 -35.64 5.13
CA LEU G 39 15.35 -34.24 5.05
C LEU G 39 16.87 -34.20 4.91
N ALA G 40 17.38 -33.03 4.53
CA ALA G 40 18.81 -32.80 4.35
C ALA G 40 19.16 -31.31 4.43
N TRP G 41 20.38 -31.04 4.87
CA TRP G 41 20.87 -29.66 4.96
C TRP G 41 22.20 -29.58 4.20
N TYR G 42 22.35 -28.54 3.39
CA TYR G 42 23.55 -28.33 2.60
C TYR G 42 24.11 -26.97 2.92
N GLN G 43 25.42 -26.82 2.78
CA GLN G 43 26.05 -25.53 3.04
C GLN G 43 26.62 -25.06 1.71
N GLN G 44 26.47 -23.78 1.39
CA GLN G 44 27.04 -23.26 0.16
C GLN G 44 27.88 -22.03 0.41
N LYS G 45 29.20 -22.20 0.38
CA LYS G 45 30.13 -21.10 0.57
C LYS G 45 30.30 -20.39 -0.77
N PRO G 46 30.48 -19.06 -0.75
CA PRO G 46 30.66 -18.29 -2.00
C PRO G 46 31.81 -18.84 -2.88
N GLY G 47 31.50 -19.08 -4.15
CA GLY G 47 32.50 -19.60 -5.06
C GLY G 47 32.49 -21.10 -5.19
N GLN G 48 31.57 -21.77 -4.50
CA GLN G 48 31.45 -23.24 -4.55
C GLN G 48 30.03 -23.82 -4.49
N SER G 49 29.93 -25.11 -4.78
CA SER G 49 28.63 -25.80 -4.79
C SER G 49 28.12 -26.11 -3.38
N PRO G 50 26.85 -26.53 -3.26
CA PRO G 50 26.35 -26.85 -1.93
C PRO G 50 27.06 -28.13 -1.48
N LYS G 51 27.19 -28.31 -0.18
CA LYS G 51 27.88 -29.48 0.36
C LYS G 51 26.99 -30.08 1.44
N LEU G 52 26.82 -31.41 1.40
CA LEU G 52 25.98 -32.07 2.40
C LEU G 52 26.51 -31.88 3.81
N LEU G 53 25.62 -31.52 4.74
CA LEU G 53 25.97 -31.35 6.15
C LEU G 53 25.35 -32.49 6.95
N VAL G 54 24.03 -32.58 6.83
CA VAL G 54 23.19 -33.54 7.54
C VAL G 54 22.14 -34.16 6.61
N TYR G 55 21.70 -35.37 6.96
CA TYR G 55 20.65 -36.05 6.22
C TYR G 55 19.80 -36.87 7.19
N PHE G 56 18.67 -37.37 6.72
CA PHE G 56 17.76 -38.12 7.59
C PHE G 56 17.45 -37.24 8.80
N ALA G 57 17.52 -35.93 8.54
CA ALA G 57 17.26 -34.86 9.50
C ALA G 57 18.19 -34.76 10.69
N SER G 58 18.96 -35.81 10.98
CA SER G 58 19.85 -35.81 12.15
C SER G 58 21.31 -36.15 11.87
N THR G 59 21.52 -37.13 11.01
CA THR G 59 22.85 -37.62 10.64
C THR G 59 23.86 -36.65 9.98
N ARG G 60 25.00 -36.46 10.62
CA ARG G 60 26.07 -35.60 10.12
C ARG G 60 26.84 -36.33 9.04
N GLU G 61 27.22 -35.61 8.00
CA GLU G 61 27.97 -36.15 6.90
C GLU G 61 29.45 -36.18 7.35
N SER G 62 30.27 -36.96 6.66
CA SER G 62 31.69 -37.09 6.95
C SER G 62 32.42 -35.77 6.96
N GLY G 63 32.93 -35.39 8.11
CA GLY G 63 33.67 -34.15 8.21
C GLY G 63 32.87 -33.05 8.87
N VAL G 64 31.60 -33.31 9.14
CA VAL G 64 30.80 -32.28 9.77
C VAL G 64 31.07 -32.23 11.28
N PRO G 65 31.47 -31.05 11.77
CA PRO G 65 31.76 -30.83 13.19
C PRO G 65 30.48 -31.02 13.99
N ASP G 66 30.65 -31.31 15.27
CA ASP G 66 29.53 -31.53 16.18
C ASP G 66 28.78 -30.26 16.51
N ARG G 67 29.28 -29.09 16.13
CA ARG G 67 28.55 -27.87 16.43
C ARG G 67 27.32 -27.76 15.52
N PHE G 68 27.28 -28.61 14.49
CA PHE G 68 26.17 -28.68 13.52
C PHE G 68 25.18 -29.77 13.91
N ILE G 69 24.04 -29.38 14.45
CA ILE G 69 23.05 -30.35 14.89
C ILE G 69 21.72 -30.22 14.16
N GLY G 70 21.32 -31.30 13.49
CA GLY G 70 20.04 -31.30 12.80
C GLY G 70 18.99 -31.90 13.70
N SER G 71 17.85 -31.23 13.86
CA SER G 71 16.78 -31.73 14.70
C SER G 71 15.44 -31.63 13.96
N GLY G 72 14.34 -31.86 14.68
CA GLY G 72 13.01 -31.79 14.10
C GLY G 72 12.46 -33.11 13.55
N SER G 73 11.19 -33.13 13.15
CA SER G 73 10.58 -34.34 12.60
C SER G 73 9.29 -34.04 11.84
N GLY G 74 8.87 -34.99 10.99
CA GLY G 74 7.64 -34.84 10.24
C GLY G 74 7.61 -33.65 9.30
N THR G 75 7.28 -32.46 9.80
CA THR G 75 7.25 -31.26 8.94
C THR G 75 8.16 -30.10 9.37
N ASP G 76 8.38 -29.95 10.69
CA ASP G 76 9.19 -28.85 11.20
C ASP G 76 10.59 -29.33 11.56
N PHE G 77 11.59 -28.81 10.87
CA PHE G 77 12.97 -29.19 11.16
C PHE G 77 13.76 -27.96 11.50
N THR G 78 14.91 -28.18 12.15
CA THR G 78 15.77 -27.10 12.61
C THR G 78 17.24 -27.40 12.51
N LEU G 79 18.02 -26.50 11.91
CA LEU G 79 19.48 -26.67 11.86
C LEU G 79 20.06 -25.77 12.92
N THR G 80 20.95 -26.34 13.71
CA THR G 80 21.52 -25.62 14.83
C THR G 80 23.04 -25.61 14.83
N ILE G 81 23.61 -24.47 15.23
CA ILE G 81 25.07 -24.36 15.37
C ILE G 81 25.21 -23.88 16.81
N SER G 82 25.61 -24.79 17.71
CA SER G 82 25.75 -24.49 19.14
C SER G 82 26.53 -23.19 19.39
N SER G 83 27.65 -23.02 18.67
CA SER G 83 28.48 -21.82 18.76
C SER G 83 29.06 -21.62 17.36
N VAL G 84 28.93 -20.40 16.83
CA VAL G 84 29.43 -20.11 15.49
C VAL G 84 30.88 -19.70 15.38
N GLN G 85 31.58 -20.34 14.45
CA GLN G 85 32.96 -20.01 14.19
C GLN G 85 32.92 -19.18 12.90
N ALA G 86 33.99 -18.46 12.60
CA ALA G 86 34.06 -17.63 11.40
C ALA G 86 33.76 -18.35 10.08
N GLU G 87 34.37 -19.51 9.86
CA GLU G 87 34.20 -20.28 8.62
C GLU G 87 32.78 -20.79 8.31
N ASP G 88 31.83 -20.49 9.18
CA ASP G 88 30.45 -20.92 8.99
C ASP G 88 29.62 -19.90 8.25
N GLN G 89 30.21 -18.75 7.93
CA GLN G 89 29.48 -17.73 7.20
C GLN G 89 29.23 -18.33 5.82
N ALA G 90 27.96 -18.48 5.47
CA ALA G 90 27.53 -19.06 4.19
C ALA G 90 26.00 -19.14 4.08
N ASP G 91 25.54 -19.89 3.09
CA ASP G 91 24.13 -20.11 2.85
C ASP G 91 23.81 -21.56 3.19
N TYR G 92 22.67 -21.78 3.84
CA TYR G 92 22.23 -23.12 4.23
C TYR G 92 20.86 -23.42 3.63
N PHE G 93 20.78 -24.49 2.84
CA PHE G 93 19.51 -24.89 2.22
C PHE G 93 19.08 -26.22 2.80
N CYS G 94 17.79 -26.52 2.69
CA CYS G 94 17.28 -27.78 3.16
C CYS G 94 16.53 -28.33 1.96
N GLN G 95 16.63 -29.62 1.72
CA GLN G 95 15.95 -30.26 0.61
C GLN G 95 15.25 -31.52 1.14
N GLN G 96 14.08 -31.86 0.62
CA GLN G 96 13.37 -33.05 1.06
C GLN G 96 13.62 -34.21 0.10
N HIS G 97 13.70 -35.42 0.63
CA HIS G 97 13.93 -36.57 -0.20
C HIS G 97 12.80 -37.56 -0.16
N TYR G 98 11.65 -37.11 0.32
CA TYR G 98 10.49 -37.96 0.41
C TYR G 98 9.88 -38.28 -0.95
N ARG G 99 9.42 -37.24 -1.66
CA ARG G 99 8.77 -37.41 -2.96
C ARG G 99 9.44 -36.60 -4.06
N ALA G 100 9.21 -37.03 -5.30
CA ALA G 100 9.71 -36.35 -6.50
C ALA G 100 8.67 -35.29 -6.87
N PRO G 101 9.14 -34.09 -7.23
CA PRO G 101 10.57 -33.79 -7.27
C PRO G 101 11.08 -33.42 -5.88
N ARG G 102 12.34 -33.76 -5.64
CA ARG G 102 13.00 -33.50 -4.37
C ARG G 102 13.35 -32.01 -4.27
N THR G 103 12.32 -31.26 -3.92
CA THR G 103 12.38 -29.82 -3.83
C THR G 103 13.28 -29.28 -2.73
N PHE G 104 13.78 -28.04 -2.93
CA PHE G 104 14.65 -27.36 -1.96
C PHE G 104 13.91 -26.21 -1.29
N GLY G 105 14.49 -25.74 -0.20
CA GLY G 105 13.95 -24.60 0.52
C GLY G 105 14.59 -23.35 -0.07
N GLY G 106 14.02 -22.19 0.26
CA GLY G 106 14.51 -20.92 -0.25
C GLY G 106 15.89 -20.51 0.22
N GLY G 107 16.37 -21.11 1.29
CA GLY G 107 17.69 -20.79 1.80
C GLY G 107 17.72 -19.77 2.91
N THR G 108 18.79 -19.79 3.69
CA THR G 108 19.00 -18.87 4.80
C THR G 108 20.44 -18.37 4.68
N LYS G 109 20.62 -17.05 4.61
CA LYS G 109 21.97 -16.48 4.51
C LYS G 109 22.53 -16.20 5.91
N LEU G 110 23.50 -17.00 6.32
CA LEU G 110 24.12 -16.80 7.63
C LEU G 110 25.36 -15.94 7.44
N GLU G 111 25.33 -14.76 8.04
CA GLU G 111 26.46 -13.87 7.98
C GLU G 111 26.90 -13.49 9.38
N ILE G 112 28.18 -13.71 9.64
CA ILE G 112 28.74 -13.42 10.94
C ILE G 112 29.75 -12.27 10.86
N LYS G 113 29.70 -11.40 11.88
CA LYS G 113 30.58 -10.24 12.00
C LYS G 113 31.91 -10.66 12.62
N GLY H 1 42.76 -36.38 -4.28
CA GLY H 1 41.28 -36.31 -4.00
C GLY H 1 40.70 -37.47 -4.78
N GLN H 2 40.30 -38.52 -4.09
CA GLN H 2 39.78 -39.68 -4.77
C GLN H 2 38.63 -39.41 -5.73
N VAL H 3 37.44 -39.15 -5.18
CA VAL H 3 36.25 -38.92 -6.00
C VAL H 3 36.07 -37.51 -6.53
N GLN H 4 35.64 -37.43 -7.79
CA GLN H 4 35.36 -36.18 -8.48
C GLN H 4 34.22 -36.48 -9.42
N LEU H 5 33.31 -35.51 -9.53
CA LEU H 5 32.16 -35.54 -10.43
C LEU H 5 32.40 -34.35 -11.37
N VAL H 6 32.66 -34.62 -12.64
CA VAL H 6 32.90 -33.54 -13.60
C VAL H 6 31.91 -33.51 -14.77
N GLU H 7 31.11 -32.46 -14.82
CA GLU H 7 30.15 -32.28 -15.89
C GLU H 7 30.64 -31.26 -16.94
N SER H 8 30.50 -31.66 -18.19
CA SER H 8 30.87 -30.87 -19.35
C SER H 8 29.61 -30.57 -20.15
N GLY H 9 29.54 -29.35 -20.68
CA GLY H 9 28.39 -28.92 -21.46
C GLY H 9 28.77 -27.80 -22.41
N PRO H 10 27.78 -27.11 -23.01
CA PRO H 10 28.01 -26.01 -23.96
C PRO H 10 28.24 -24.53 -23.53
N GLY H 11 28.04 -24.16 -22.27
CA GLY H 11 28.22 -22.76 -21.89
C GLY H 11 27.15 -21.96 -22.59
N LEU H 12 27.55 -21.00 -23.44
CA LEU H 12 26.60 -20.19 -24.22
C LEU H 12 25.89 -21.03 -25.27
N VAL H 13 24.58 -21.05 -25.22
CA VAL H 13 23.75 -21.80 -26.15
C VAL H 13 22.49 -20.99 -26.48
N ALA H 14 22.06 -21.06 -27.75
CA ALA H 14 20.88 -20.32 -28.20
C ALA H 14 19.57 -21.05 -27.91
N PRO H 15 18.46 -20.31 -27.80
CA PRO H 15 17.16 -20.90 -27.54
C PRO H 15 16.74 -21.83 -28.69
N SER H 16 15.63 -22.54 -28.46
CA SER H 16 15.05 -23.52 -29.39
C SER H 16 15.92 -24.78 -29.53
N GLN H 17 17.23 -24.60 -29.47
CA GLN H 17 18.19 -25.68 -29.59
C GLN H 17 18.24 -26.60 -28.36
N SER H 18 18.70 -27.83 -28.59
CA SER H 18 18.83 -28.89 -27.57
C SER H 18 19.96 -28.65 -26.57
N LEU H 19 19.95 -29.40 -25.48
CA LEU H 19 20.97 -29.30 -24.45
C LEU H 19 21.47 -30.69 -24.15
N SER H 20 22.80 -30.87 -24.15
CA SER H 20 23.42 -32.16 -23.85
C SER H 20 24.50 -31.91 -22.79
N ILE H 21 24.40 -32.60 -21.65
CA ILE H 21 25.39 -32.43 -20.59
C ILE H 21 25.94 -33.79 -20.19
N THR H 22 27.18 -33.84 -19.74
CA THR H 22 27.75 -35.10 -19.35
C THR H 22 28.46 -35.06 -18.02
N CYS H 23 27.97 -35.86 -17.08
CA CYS H 23 28.62 -35.95 -15.79
C CYS H 23 29.59 -37.17 -15.88
N THR H 24 30.88 -36.95 -15.65
CA THR H 24 31.85 -38.03 -15.71
C THR H 24 32.33 -38.23 -14.29
N VAL H 25 32.10 -39.43 -13.76
CA VAL H 25 32.47 -39.77 -12.39
C VAL H 25 33.84 -40.46 -12.30
N SER H 26 34.54 -40.19 -11.22
CA SER H 26 35.86 -40.79 -11.00
C SER H 26 35.98 -41.14 -9.54
N GLY H 27 36.28 -42.41 -9.26
CA GLY H 27 36.46 -42.82 -7.90
C GLY H 27 35.31 -43.48 -7.16
N ILE H 28 34.19 -43.72 -7.84
CA ILE H 28 33.03 -44.38 -7.22
C ILE H 28 32.27 -45.09 -8.35
N SER H 29 31.57 -46.17 -8.04
CA SER H 29 30.82 -46.88 -9.08
C SER H 29 29.36 -46.48 -9.10
N LEU H 30 28.85 -46.24 -10.31
CA LEU H 30 27.45 -45.84 -10.55
C LEU H 30 26.49 -46.94 -10.14
N SER H 31 26.89 -48.17 -10.44
CA SER H 31 26.14 -49.37 -10.13
C SER H 31 25.67 -49.26 -8.67
N ARG H 32 26.60 -48.82 -7.84
CA ARG H 32 26.39 -48.66 -6.42
C ARG H 32 25.77 -47.32 -6.00
N TYR H 33 26.08 -46.23 -6.69
CA TYR H 33 25.57 -44.90 -6.34
C TYR H 33 24.33 -44.36 -7.10
N ASN H 34 23.70 -43.34 -6.53
CA ASN H 34 22.52 -42.67 -7.12
C ASN H 34 22.85 -41.21 -7.51
N VAL H 35 22.61 -40.88 -8.78
CA VAL H 35 22.95 -39.56 -9.34
C VAL H 35 21.77 -38.69 -9.68
N HIS H 36 21.81 -37.45 -9.20
CA HIS H 36 20.75 -36.47 -9.43
C HIS H 36 21.24 -35.37 -10.37
N TRP H 37 20.29 -34.66 -10.98
CA TRP H 37 20.63 -33.56 -11.86
C TRP H 37 19.92 -32.39 -11.24
N VAL H 38 20.72 -31.46 -10.77
CA VAL H 38 20.22 -30.25 -10.13
C VAL H 38 20.76 -29.08 -10.94
N ARG H 39 20.12 -27.93 -10.80
CA ARG H 39 20.58 -26.73 -11.47
C ARG H 39 20.27 -25.60 -10.51
N GLN H 40 21.08 -24.56 -10.56
CA GLN H 40 20.91 -23.42 -9.66
C GLN H 40 21.06 -22.07 -10.36
N SER H 41 20.46 -21.04 -9.78
CA SER H 41 20.51 -19.70 -10.33
C SER H 41 19.97 -18.79 -9.25
N PRO H 42 20.28 -17.50 -9.33
CA PRO H 42 19.80 -16.58 -8.31
C PRO H 42 18.31 -16.38 -8.46
N GLY H 43 17.82 -16.60 -9.68
CA GLY H 43 16.43 -16.40 -9.99
C GLY H 43 15.48 -17.53 -9.69
N LYS H 44 15.80 -18.73 -10.14
CA LYS H 44 14.92 -19.85 -9.90
C LYS H 44 15.29 -20.67 -8.64
N GLY H 45 16.44 -20.34 -8.04
CA GLY H 45 16.93 -21.06 -6.88
C GLY H 45 17.45 -22.45 -7.28
N LEU H 46 17.45 -23.36 -6.31
CA LEU H 46 17.89 -24.74 -6.55
C LEU H 46 16.69 -25.50 -7.09
N GLU H 47 16.90 -26.28 -8.14
CA GLU H 47 15.81 -27.01 -8.76
C GLU H 47 16.29 -28.40 -9.03
N TRP H 48 15.53 -29.37 -8.55
CA TRP H 48 15.82 -30.80 -8.75
C TRP H 48 15.30 -31.13 -10.14
N LEU H 49 16.12 -31.77 -10.97
CA LEU H 49 15.70 -32.10 -12.32
C LEU H 49 15.19 -33.52 -12.51
N GLY H 50 15.89 -34.47 -11.88
CA GLY H 50 15.51 -35.86 -12.00
C GLY H 50 16.66 -36.65 -11.41
N MET H 51 16.65 -37.97 -11.53
CA MET H 51 17.72 -38.80 -10.96
C MET H 51 17.79 -40.20 -11.59
N ILE H 52 18.89 -40.90 -11.34
CA ILE H 52 19.07 -42.25 -11.85
C ILE H 52 19.73 -43.14 -10.75
N TRP H 53 18.93 -44.06 -10.18
CA TRP H 53 19.40 -44.94 -9.10
C TRP H 53 20.46 -45.86 -9.64
N GLY H 54 21.29 -46.40 -8.75
CA GLY H 54 22.35 -47.30 -9.17
C GLY H 54 21.85 -48.42 -10.05
N GLY H 55 20.67 -48.94 -9.70
CA GLY H 55 20.05 -49.99 -10.46
C GLY H 55 19.30 -49.50 -11.70
N GLY H 56 19.67 -48.30 -12.16
CA GLY H 56 19.08 -47.70 -13.34
C GLY H 56 17.62 -47.28 -13.37
N SER H 57 17.04 -46.97 -12.22
CA SER H 57 15.65 -46.54 -12.17
C SER H 57 15.70 -45.04 -12.44
N ILE H 58 14.78 -44.52 -13.25
CA ILE H 58 14.78 -43.11 -13.61
C ILE H 58 13.55 -42.27 -13.26
N GLU H 59 13.78 -41.17 -12.56
CA GLU H 59 12.69 -40.26 -12.18
C GLU H 59 12.97 -38.90 -12.82
N TYR H 60 11.91 -38.13 -13.04
CA TYR H 60 11.98 -36.80 -13.66
C TYR H 60 11.14 -35.78 -12.94
N ASN H 61 11.51 -34.52 -13.03
CA ASN H 61 10.71 -33.48 -12.42
C ASN H 61 9.57 -33.43 -13.43
N PRO H 62 8.33 -33.67 -12.99
CA PRO H 62 7.16 -33.65 -13.86
C PRO H 62 7.09 -32.43 -14.76
N ALA H 63 7.22 -31.24 -14.14
CA ALA H 63 7.17 -29.96 -14.85
C ALA H 63 8.06 -29.93 -16.10
N LEU H 64 9.20 -30.60 -16.01
CA LEU H 64 10.16 -30.65 -17.09
C LEU H 64 10.23 -32.00 -17.77
N LYS H 65 9.65 -33.03 -17.15
CA LYS H 65 9.68 -34.41 -17.68
C LYS H 65 9.41 -34.44 -19.17
N SER H 66 8.53 -33.51 -19.54
CA SER H 66 8.09 -33.28 -20.91
C SER H 66 9.26 -33.21 -21.90
N ARG H 67 10.27 -32.40 -21.56
CA ARG H 67 11.46 -32.16 -22.40
C ARG H 67 12.79 -32.75 -21.94
N LEU H 68 12.77 -33.57 -20.89
CA LEU H 68 13.98 -34.14 -20.32
C LEU H 68 14.29 -35.56 -20.70
N SER H 69 15.57 -35.89 -20.56
CA SER H 69 16.05 -37.23 -20.84
C SER H 69 17.33 -37.44 -20.04
N ILE H 70 17.29 -38.43 -19.17
CA ILE H 70 18.42 -38.80 -18.33
C ILE H 70 18.72 -40.25 -18.66
N SER H 71 20.00 -40.59 -18.70
CA SER H 71 20.42 -41.96 -19.00
C SER H 71 21.83 -42.15 -18.46
N LYS H 72 22.41 -43.34 -18.64
CA LYS H 72 23.76 -43.59 -18.14
C LYS H 72 24.43 -44.81 -18.77
N ASP H 73 25.73 -44.90 -18.55
CA ASP H 73 26.55 -46.01 -18.99
C ASP H 73 27.58 -46.22 -17.91
N ASN H 74 27.33 -47.26 -17.10
CA ASN H 74 28.21 -47.62 -15.98
C ASN H 74 29.65 -47.83 -16.43
N SER H 75 29.81 -48.55 -17.55
CA SER H 75 31.10 -48.88 -18.17
C SER H 75 32.09 -47.71 -18.27
N LYS H 76 31.70 -46.71 -19.05
CA LYS H 76 32.50 -45.51 -19.28
C LYS H 76 32.52 -44.59 -18.06
N SER H 77 31.67 -44.91 -17.08
CA SER H 77 31.55 -44.15 -15.82
C SER H 77 30.89 -42.76 -16.02
N GLN H 78 29.76 -42.73 -16.73
CA GLN H 78 29.08 -41.44 -17.00
C GLN H 78 27.53 -41.38 -17.08
N ILE H 79 26.95 -40.31 -16.52
CA ILE H 79 25.52 -40.07 -16.51
C ILE H 79 25.23 -38.96 -17.53
N PHE H 80 24.14 -39.07 -18.26
CA PHE H 80 23.81 -38.08 -19.26
C PHE H 80 22.48 -37.35 -19.02
N LEU H 81 22.48 -36.05 -19.31
CA LEU H 81 21.29 -35.21 -19.21
C LEU H 81 21.13 -34.69 -20.64
N LYS H 82 19.92 -34.30 -20.99
CA LYS H 82 19.63 -33.84 -22.33
C LYS H 82 18.22 -33.26 -22.35
N MET H 83 18.10 -31.96 -22.58
CA MET H 83 16.78 -31.38 -22.66
C MET H 83 16.58 -30.62 -23.95
N ASN H 84 15.39 -30.78 -24.53
CA ASN H 84 15.01 -30.17 -25.80
C ASN H 84 14.31 -28.86 -25.69
N SER H 85 14.28 -28.17 -26.82
CA SER H 85 13.60 -26.90 -26.92
C SER H 85 13.96 -25.99 -25.74
N LEU H 86 15.25 -25.65 -25.67
CA LEU H 86 15.83 -24.79 -24.63
C LEU H 86 15.20 -23.42 -24.66
N GLN H 87 15.16 -22.77 -23.52
CA GLN H 87 14.57 -21.46 -23.42
C GLN H 87 15.50 -20.58 -22.65
N THR H 88 15.35 -19.27 -22.82
CA THR H 88 16.17 -18.30 -22.09
C THR H 88 15.99 -18.59 -20.62
N ASP H 89 14.95 -19.34 -20.30
CA ASP H 89 14.74 -19.64 -18.91
C ASP H 89 15.32 -20.91 -18.37
N ASP H 90 16.21 -21.52 -19.10
CA ASP H 90 16.83 -22.72 -18.58
C ASP H 90 18.26 -22.40 -18.20
N SER H 91 18.58 -21.11 -18.25
CA SER H 91 19.91 -20.63 -17.89
C SER H 91 20.18 -20.95 -16.42
N ALA H 92 21.24 -21.71 -16.16
CA ALA H 92 21.62 -22.07 -14.80
C ALA H 92 22.93 -22.87 -14.74
N MET H 93 23.37 -23.16 -13.52
CA MET H 93 24.56 -23.93 -13.22
C MET H 93 24.07 -25.37 -12.99
N TYR H 94 24.36 -26.25 -13.93
CA TYR H 94 23.93 -27.64 -13.81
C TYR H 94 24.94 -28.51 -13.09
N TYR H 95 24.43 -29.36 -12.19
CA TYR H 95 25.27 -30.26 -11.44
C TYR H 95 24.72 -31.66 -11.41
N CYS H 96 25.62 -32.59 -11.13
CA CYS H 96 25.24 -33.98 -10.93
C CYS H 96 25.72 -34.13 -9.50
N VAL H 97 24.89 -34.72 -8.66
CA VAL H 97 25.20 -34.96 -7.25
C VAL H 97 25.00 -36.46 -7.05
N SER H 98 25.81 -37.09 -6.22
CA SER H 98 25.65 -38.52 -6.00
C SER H 98 25.49 -38.86 -4.52
N TYR H 99 24.70 -39.90 -4.26
CA TYR H 99 24.45 -40.40 -2.91
C TYR H 99 24.60 -41.92 -2.94
N GLY H 100 25.36 -42.46 -1.99
CA GLY H 100 25.59 -43.88 -1.94
C GLY H 100 26.51 -44.21 -0.79
N TYR H 101 26.28 -45.38 -0.23
CA TYR H 101 27.08 -45.84 0.89
C TYR H 101 28.32 -46.58 0.40
N GLY H 102 29.43 -46.37 1.09
CA GLY H 102 30.65 -47.04 0.69
C GLY H 102 31.86 -46.13 0.74
N GLY H 103 31.80 -45.02 0.02
CA GLY H 103 32.91 -44.09 0.03
C GLY H 103 32.99 -43.44 1.40
N ASP H 104 34.08 -42.72 1.66
CA ASP H 104 34.29 -42.04 2.93
C ASP H 104 33.44 -40.78 3.07
N ARG H 105 32.37 -40.72 2.28
CA ARG H 105 31.42 -39.62 2.28
C ARG H 105 30.12 -40.18 1.68
N PHE H 106 29.00 -39.68 2.19
CA PHE H 106 27.69 -40.11 1.71
C PHE H 106 27.37 -39.48 0.36
N SER H 107 27.64 -38.19 0.21
CA SER H 107 27.34 -37.50 -1.04
C SER H 107 28.53 -36.76 -1.65
N TYR H 108 28.55 -36.71 -2.97
CA TYR H 108 29.58 -36.04 -3.75
C TYR H 108 28.83 -35.16 -4.75
N TRP H 109 29.02 -33.84 -4.64
CA TRP H 109 28.37 -32.84 -5.51
C TRP H 109 29.34 -32.34 -6.61
N GLY H 110 28.85 -32.35 -7.86
CA GLY H 110 29.63 -31.94 -9.00
C GLY H 110 30.28 -30.59 -8.92
N GLN H 111 31.13 -30.29 -9.90
CA GLN H 111 31.85 -29.01 -9.98
C GLN H 111 30.92 -27.96 -10.55
N GLY H 112 30.09 -28.41 -11.49
CA GLY H 112 29.12 -27.57 -12.13
C GLY H 112 29.53 -27.13 -13.51
N THR H 113 28.55 -27.02 -14.38
CA THR H 113 28.76 -26.54 -15.74
C THR H 113 27.71 -25.47 -15.93
N LEU H 114 28.16 -24.27 -16.30
CA LEU H 114 27.26 -23.15 -16.52
C LEU H 114 26.64 -23.19 -17.90
N VAL H 115 25.33 -23.04 -17.98
CA VAL H 115 24.60 -23.03 -19.24
C VAL H 115 23.92 -21.68 -19.36
N THR H 116 24.26 -20.95 -20.44
CA THR H 116 23.70 -19.62 -20.69
C THR H 116 22.94 -19.64 -22.03
N VAL H 117 21.64 -19.37 -21.98
CA VAL H 117 20.78 -19.38 -23.17
C VAL H 117 20.38 -17.97 -23.59
N SER H 118 20.71 -17.62 -24.84
CA SER H 118 20.42 -16.31 -25.44
C SER H 118 20.99 -16.24 -26.86
#